data_1YKJ
#
_entry.id   1YKJ
#
_cell.length_a   69.860
_cell.length_b   85.897
_cell.length_c   146.074
_cell.angle_alpha   90.00
_cell.angle_beta   90.00
_cell.angle_gamma   90.00
#
_symmetry.space_group_name_H-M   'P 21 21 2'
#
loop_
_entity.id
_entity.type
_entity.pdbx_description
1 polymer 'P-hydroxybenzoate hydroxylase'
2 non-polymer 'SULFATE ION'
3 non-polymer 'FLAVIN-ADENINE DINUCLEOTIDE'
4 non-polymer 'P-HYDROXYBENZOIC ACID'
5 non-polymer PYROSULFATE
6 water water
#
_entity_poly.entity_id   1
_entity_poly.type   'polypeptide(L)'
_entity_poly.pdbx_seq_one_letter_code
;MKTQVAIIGAGPSGLLLGQLLHKAGIDNVILERQTPDYVLGRIRGGVLEQGMVDLLREAGVDRRMARDGLVHEGVEIAFA
GQRRRIDLKRLSGGKTVTVYGQTEVTRDLMEAREACGATTVYQAAEVRLHDLQGERPYVTFERDGERLRLDCDYIAGCDG
FHGISRQSIPAERLKVFERVYPFGWLGLLADTPPVSHELIYANHPRGFALCSQRSATRSRYYVQVPLSEKVEDWSDERFW
TELKARLPSEVAEKLVTGPSLEKSIAPLRSFVVEPMQHGRLFLAGDAAHIVPPTGAKGLNLAASDVSTLYRLLLKAYREG
RGELLERYSAICLRRIWKAERFSWWMTSVLHRFPDTDAFSQRIQQTELEYYLGSEAGLATIAENYVGLPYEEIE
;
_entity_poly.pdbx_strand_id   A,B
#
# COMPACT_ATOMS: atom_id res chain seq x y z
N MET A 1 40.64 4.52 32.13
CA MET A 1 40.09 5.54 31.18
C MET A 1 38.63 5.83 31.52
N LYS A 2 38.26 7.10 31.42
CA LYS A 2 36.91 7.49 31.73
C LYS A 2 36.42 8.65 30.88
N THR A 3 35.10 8.70 30.64
CA THR A 3 34.47 9.75 29.85
C THR A 3 33.04 9.85 30.33
N GLN A 4 32.26 10.77 29.79
CA GLN A 4 30.85 10.83 30.20
C GLN A 4 29.99 9.87 29.34
N VAL A 5 30.13 9.99 28.03
CA VAL A 5 29.39 9.12 27.11
C VAL A 5 30.28 8.29 26.23
N ALA A 6 30.22 6.96 26.42
CA ALA A 6 31.00 6.07 25.57
C ALA A 6 30.12 5.78 24.33
N ILE A 7 30.71 5.92 23.15
CA ILE A 7 29.99 5.67 21.93
C ILE A 7 30.62 4.48 21.20
N ILE A 8 29.83 3.42 20.95
CA ILE A 8 30.37 2.29 20.21
C ILE A 8 30.03 2.49 18.74
N GLY A 9 31.07 2.66 17.91
CA GLY A 9 30.87 2.86 16.50
C GLY A 9 31.33 4.24 16.03
N ALA A 10 32.12 4.27 15.00
CA ALA A 10 32.60 5.55 14.50
C ALA A 10 32.06 5.68 13.11
N GLY A 11 30.83 5.22 12.95
CA GLY A 11 30.19 5.38 11.66
C GLY A 11 29.47 6.71 11.74
N PRO A 12 28.63 7.08 10.74
CA PRO A 12 27.95 8.37 10.82
C PRO A 12 27.17 8.59 12.12
N SER A 13 26.45 7.57 12.62
CA SER A 13 25.69 7.71 13.85
C SER A 13 26.57 8.16 15.01
N GLY A 14 27.56 7.34 15.33
CA GLY A 14 28.46 7.65 16.41
C GLY A 14 29.20 8.96 16.19
N LEU A 15 29.70 9.20 14.99
CA LEU A 15 30.42 10.46 14.76
C LEU A 15 29.52 11.68 14.97
N LEU A 16 28.32 11.62 14.40
CA LEU A 16 27.40 12.71 14.52
C LEU A 16 27.04 12.91 16.01
N LEU A 17 26.78 11.84 16.75
CA LEU A 17 26.43 12.01 18.16
C LEU A 17 27.58 12.61 18.95
N GLY A 18 28.79 12.14 18.67
CA GLY A 18 29.98 12.62 19.38
C GLY A 18 30.21 14.07 19.11
N GLN A 19 29.91 14.47 17.87
CA GLN A 19 30.11 15.84 17.48
C GLN A 19 29.18 16.79 18.22
N LEU A 20 27.90 16.46 18.27
CA LEU A 20 26.91 17.28 18.96
C LEU A 20 27.15 17.29 20.47
N LEU A 21 27.63 16.16 20.98
CA LEU A 21 27.87 16.11 22.42
C LEU A 21 29.07 17.01 22.73
N HIS A 22 30.07 16.96 21.87
CA HIS A 22 31.27 17.73 22.03
C HIS A 22 30.88 19.19 22.09
N LYS A 23 30.23 19.64 21.02
CA LYS A 23 29.79 21.02 20.92
C LYS A 23 28.91 21.49 22.09
N ALA A 24 28.29 20.58 22.84
CA ALA A 24 27.46 21.00 23.97
C ALA A 24 28.25 20.83 25.26
N GLY A 25 29.54 20.54 25.14
CA GLY A 25 30.34 20.38 26.32
C GLY A 25 30.33 19.03 27.02
N ILE A 26 29.72 18.02 26.42
CA ILE A 26 29.67 16.72 27.07
C ILE A 26 30.78 15.76 26.64
N ASP A 27 31.58 15.26 27.60
CA ASP A 27 32.69 14.33 27.29
C ASP A 27 32.21 13.02 26.69
N ASN A 28 32.91 12.58 25.63
CA ASN A 28 32.57 11.37 24.92
C ASN A 28 33.77 10.70 24.21
N VAL A 29 33.74 9.38 24.17
CA VAL A 29 34.78 8.60 23.54
C VAL A 29 34.15 7.60 22.57
N ILE A 30 34.57 7.62 21.32
CA ILE A 30 34.07 6.66 20.34
C ILE A 30 35.09 5.52 20.22
N LEU A 31 34.64 4.27 20.33
CA LEU A 31 35.54 3.13 20.18
C LEU A 31 35.17 2.46 18.86
N GLU A 32 36.14 2.22 17.98
CA GLU A 32 35.83 1.62 16.67
C GLU A 32 36.70 0.42 16.28
N ARG A 33 36.03 -0.67 15.95
CA ARG A 33 36.65 -1.94 15.54
C ARG A 33 37.53 -1.85 14.31
N GLN A 34 37.11 -1.07 13.32
CA GLN A 34 37.87 -0.94 12.10
C GLN A 34 38.85 0.22 12.18
N THR A 35 39.54 0.42 11.07
CA THR A 35 40.49 1.50 10.95
C THR A 35 39.80 2.58 10.17
N PRO A 36 40.28 3.80 10.30
CA PRO A 36 39.70 4.93 9.57
C PRO A 36 39.52 4.54 8.11
N ASP A 37 40.62 4.08 7.53
CA ASP A 37 40.64 3.68 6.13
C ASP A 37 39.48 2.74 5.81
N TYR A 38 39.26 1.75 6.64
CA TYR A 38 38.18 0.80 6.41
C TYR A 38 36.82 1.51 6.42
N VAL A 39 36.51 2.21 7.51
CA VAL A 39 35.24 2.92 7.63
C VAL A 39 34.96 3.72 6.37
N LEU A 40 35.99 4.44 5.95
CA LEU A 40 35.88 5.29 4.80
C LEU A 40 35.75 4.58 3.49
N GLY A 41 36.00 3.26 3.51
CA GLY A 41 35.83 2.46 2.31
C GLY A 41 34.34 2.12 2.01
N ARG A 42 33.45 2.34 2.98
CA ARG A 42 32.04 2.04 2.76
C ARG A 42 31.39 3.12 1.91
N ILE A 43 30.76 2.69 0.83
CA ILE A 43 30.12 3.65 -0.05
C ILE A 43 28.66 3.93 0.28
N ARG A 44 27.87 2.87 0.41
CA ARG A 44 26.46 2.99 0.78
C ARG A 44 25.64 3.91 -0.11
N GLY A 45 24.84 4.74 0.54
CA GLY A 45 23.95 5.64 -0.16
C GLY A 45 24.34 7.09 -0.29
N GLY A 46 23.39 7.88 -0.78
CA GLY A 46 23.65 9.28 -0.99
C GLY A 46 22.52 10.25 -0.87
N VAL A 47 21.35 9.82 -0.41
CA VAL A 47 20.25 10.75 -0.33
C VAL A 47 20.03 11.25 1.09
N LEU A 48 20.01 12.57 1.24
CA LEU A 48 19.82 13.18 2.54
C LEU A 48 18.54 13.97 2.66
N GLU A 49 17.82 13.77 3.75
CA GLU A 49 16.61 14.57 3.93
C GLU A 49 17.08 15.84 4.61
N GLN A 50 16.24 16.87 4.56
CA GLN A 50 16.61 18.16 5.13
C GLN A 50 16.93 18.10 6.62
N GLY A 51 16.20 17.26 7.33
CA GLY A 51 16.44 17.17 8.75
C GLY A 51 17.88 16.74 8.97
N MET A 52 18.38 15.87 8.12
CA MET A 52 19.73 15.39 8.26
C MET A 52 20.70 16.56 7.96
N VAL A 53 20.45 17.27 6.85
CA VAL A 53 21.29 18.41 6.51
C VAL A 53 21.39 19.46 7.66
N ASP A 54 20.26 19.77 8.32
CA ASP A 54 20.28 20.75 9.40
C ASP A 54 21.06 20.27 10.61
N LEU A 55 21.00 18.97 10.89
CA LEU A 55 21.70 18.39 12.04
C LEU A 55 23.18 18.44 11.79
N LEU A 56 23.56 18.19 10.53
CA LEU A 56 24.96 18.22 10.13
C LEU A 56 25.50 19.64 10.28
N ARG A 57 24.65 20.61 10.00
CA ARG A 57 24.99 22.02 10.13
C ARG A 57 25.07 22.25 11.66
N GLU A 58 24.03 21.88 12.39
CA GLU A 58 24.09 22.06 13.84
C GLU A 58 25.33 21.39 14.44
N ALA A 59 25.82 20.33 13.82
CA ALA A 59 27.00 19.62 14.31
C ALA A 59 28.27 20.33 13.88
N GLY A 60 28.09 21.43 13.15
CA GLY A 60 29.24 22.18 12.69
C GLY A 60 30.01 21.50 11.57
N VAL A 61 29.34 20.67 10.80
CA VAL A 61 30.02 19.96 9.73
C VAL A 61 29.23 20.06 8.46
N ASP A 62 28.95 21.28 7.98
CA ASP A 62 28.14 21.43 6.75
C ASP A 62 28.71 22.30 5.60
N ARG A 63 29.80 23.04 5.85
CA ARG A 63 30.38 23.88 4.81
C ARG A 63 30.62 23.10 3.50
N ARG A 64 31.37 22.00 3.59
CA ARG A 64 31.67 21.19 2.40
C ARG A 64 30.43 20.57 1.71
N MET A 65 29.48 20.06 2.51
CA MET A 65 28.27 19.47 1.93
C MET A 65 27.46 20.54 1.19
N ALA A 66 27.60 21.80 1.64
CA ALA A 66 26.90 22.95 1.05
C ALA A 66 27.47 23.18 -0.32
N ARG A 67 28.80 23.11 -0.38
CA ARG A 67 29.49 23.33 -1.63
C ARG A 67 29.37 22.16 -2.59
N ASP A 68 29.39 20.94 -2.07
CA ASP A 68 29.35 19.74 -2.91
C ASP A 68 28.06 18.92 -3.06
N GLY A 69 27.03 19.22 -2.27
CA GLY A 69 25.80 18.46 -2.35
C GLY A 69 24.82 18.89 -3.44
N LEU A 70 24.26 17.92 -4.14
CA LEU A 70 23.30 18.19 -5.21
C LEU A 70 21.89 18.21 -4.62
N VAL A 71 21.19 19.33 -4.74
CA VAL A 71 19.82 19.40 -4.22
C VAL A 71 18.83 19.10 -5.36
N HIS A 72 17.95 18.13 -5.15
CA HIS A 72 16.98 17.80 -6.18
C HIS A 72 15.55 18.20 -5.80
N GLU A 73 14.85 18.77 -6.78
CA GLU A 73 13.46 19.20 -6.62
C GLU A 73 12.53 18.05 -6.98
N GLY A 74 13.10 17.03 -7.62
CA GLY A 74 12.34 15.86 -8.00
C GLY A 74 13.13 14.58 -7.92
N VAL A 75 12.41 13.48 -8.13
CA VAL A 75 12.90 12.11 -8.13
C VAL A 75 12.07 11.49 -9.28
N GLU A 76 12.56 10.45 -9.95
CA GLU A 76 11.83 9.84 -11.09
C GLU A 76 11.61 8.34 -10.92
N ILE A 77 10.47 7.82 -11.40
CA ILE A 77 10.20 6.38 -11.35
C ILE A 77 9.83 5.85 -12.72
N ALA A 78 10.53 4.81 -13.12
CA ALA A 78 10.25 4.23 -14.40
C ALA A 78 9.59 2.89 -14.22
N PHE A 79 8.50 2.68 -14.96
CA PHE A 79 7.81 1.37 -14.97
C PHE A 79 7.08 1.22 -16.31
N ALA A 80 6.85 -0.01 -16.76
CA ALA A 80 6.20 -0.19 -18.06
C ALA A 80 6.83 0.78 -19.07
N GLY A 81 8.17 0.85 -19.07
CA GLY A 81 8.88 1.74 -19.98
C GLY A 81 8.33 3.16 -20.05
N GLN A 82 8.44 3.87 -18.94
CA GLN A 82 7.97 5.27 -18.88
C GLN A 82 8.49 5.85 -17.55
N ARG A 83 9.25 6.94 -17.67
CA ARG A 83 9.78 7.63 -16.51
C ARG A 83 8.65 8.53 -16.04
N ARG A 84 8.39 8.58 -14.75
CA ARG A 84 7.36 9.48 -14.22
C ARG A 84 8.10 10.31 -13.19
N ARG A 85 8.00 11.63 -13.30
CA ARG A 85 8.68 12.48 -12.34
C ARG A 85 7.78 12.83 -11.16
N ILE A 86 8.38 12.91 -9.98
CA ILE A 86 7.68 13.27 -8.77
C ILE A 86 8.28 14.61 -8.43
N ASP A 87 7.47 15.67 -8.55
CA ASP A 87 8.00 17.00 -8.21
C ASP A 87 7.88 17.14 -6.70
N LEU A 88 8.99 16.81 -6.03
CA LEU A 88 9.04 16.84 -4.57
C LEU A 88 8.75 18.19 -3.95
N LYS A 89 9.44 19.23 -4.37
CA LYS A 89 9.21 20.53 -3.76
C LYS A 89 7.73 20.91 -3.87
N ARG A 90 7.18 20.84 -5.07
CA ARG A 90 5.77 21.20 -5.23
C ARG A 90 4.80 20.34 -4.43
N LEU A 91 4.93 19.02 -4.50
CA LEU A 91 4.02 18.15 -3.75
C LEU A 91 4.23 18.16 -2.23
N SER A 92 5.49 18.27 -1.78
CA SER A 92 5.80 18.25 -0.34
C SER A 92 5.61 19.61 0.29
N GLY A 93 5.29 20.59 -0.54
CA GLY A 93 5.12 21.93 -0.02
C GLY A 93 6.46 22.65 0.11
N GLY A 94 7.39 22.41 -0.81
CA GLY A 94 8.65 23.12 -0.73
C GLY A 94 9.87 22.37 -0.26
N LYS A 95 9.72 21.12 0.19
CA LYS A 95 10.88 20.36 0.66
C LYS A 95 11.70 19.70 -0.46
N THR A 96 12.99 19.46 -0.22
CA THR A 96 13.85 18.82 -1.21
C THR A 96 14.77 17.80 -0.57
N VAL A 97 15.57 17.09 -1.37
CA VAL A 97 16.52 16.16 -0.81
C VAL A 97 17.86 16.59 -1.33
N THR A 98 18.91 16.14 -0.69
CA THR A 98 20.23 16.51 -1.13
C THR A 98 20.99 15.23 -1.39
N VAL A 99 21.64 15.16 -2.54
CA VAL A 99 22.41 13.99 -2.91
C VAL A 99 23.83 14.29 -2.44
N TYR A 100 24.34 13.48 -1.52
CA TYR A 100 25.68 13.72 -0.97
C TYR A 100 26.18 12.40 -0.40
N GLY A 101 27.20 11.85 -1.01
CA GLY A 101 27.69 10.55 -0.60
C GLY A 101 27.86 10.31 0.86
N GLN A 102 27.52 9.12 1.34
CA GLN A 102 27.70 8.81 2.76
C GLN A 102 29.18 8.78 3.11
N THR A 103 30.00 8.45 2.13
CA THR A 103 31.43 8.41 2.38
C THR A 103 31.88 9.83 2.69
N GLU A 104 31.43 10.79 1.89
CA GLU A 104 31.76 12.20 2.08
C GLU A 104 31.22 12.71 3.41
N VAL A 105 29.99 12.29 3.75
CA VAL A 105 29.39 12.69 5.03
C VAL A 105 30.26 12.20 6.18
N THR A 106 30.65 10.94 6.08
CA THR A 106 31.49 10.31 7.11
C THR A 106 32.88 10.96 7.18
N ARG A 107 33.46 11.25 6.03
CA ARG A 107 34.79 11.87 5.97
C ARG A 107 34.72 13.23 6.61
N ASP A 108 33.68 13.98 6.30
CA ASP A 108 33.52 15.31 6.86
C ASP A 108 33.35 15.27 8.40
N LEU A 109 32.67 14.24 8.93
CA LEU A 109 32.51 14.21 10.40
C LEU A 109 33.82 13.84 11.06
N MET A 110 34.53 12.93 10.44
CA MET A 110 35.80 12.48 11.00
C MET A 110 36.73 13.66 11.02
N GLU A 111 36.70 14.47 9.95
CA GLU A 111 37.56 15.65 9.85
C GLU A 111 37.21 16.61 10.97
N ALA A 112 35.92 16.87 11.11
CA ALA A 112 35.47 17.74 12.16
C ALA A 112 35.96 17.16 13.49
N ARG A 113 35.70 15.87 13.71
CA ARG A 113 36.12 15.31 14.98
C ARG A 113 37.64 15.43 15.16
N GLU A 114 38.42 15.18 14.12
CA GLU A 114 39.86 15.24 14.38
C GLU A 114 40.33 16.63 14.72
N ALA A 115 39.77 17.64 14.05
CA ALA A 115 40.12 19.02 14.34
C ALA A 115 39.85 19.36 15.81
N CYS A 116 38.65 18.99 16.30
CA CYS A 116 38.25 19.24 17.69
C CYS A 116 39.20 18.59 18.71
N GLY A 117 39.96 17.60 18.28
CA GLY A 117 40.83 16.91 19.21
C GLY A 117 40.05 15.92 20.08
N ALA A 118 38.78 15.66 19.74
CA ALA A 118 37.97 14.68 20.50
C ALA A 118 38.59 13.25 20.44
N THR A 119 38.27 12.40 21.40
CA THR A 119 38.83 11.03 21.46
C THR A 119 38.19 9.93 20.58
N THR A 120 38.99 9.28 19.74
CA THR A 120 38.46 8.20 18.95
C THR A 120 39.51 7.11 18.91
N VAL A 121 39.14 5.94 19.40
CA VAL A 121 40.07 4.83 19.41
C VAL A 121 39.75 3.85 18.28
N TYR A 122 40.51 3.87 17.21
CA TYR A 122 40.26 2.89 16.15
C TYR A 122 40.87 1.54 16.55
N GLN A 123 40.55 0.49 15.80
CA GLN A 123 41.02 -0.86 16.14
C GLN A 123 40.81 -1.21 17.61
N ALA A 124 39.63 -0.93 18.16
CA ALA A 124 39.37 -1.28 19.54
C ALA A 124 38.66 -2.61 19.37
N ALA A 125 39.43 -3.68 19.50
CA ALA A 125 38.96 -5.05 19.34
C ALA A 125 38.29 -5.59 20.56
N GLU A 126 37.43 -6.58 20.31
CA GLU A 126 36.67 -7.28 21.33
C GLU A 126 35.94 -6.39 22.34
N VAL A 127 35.25 -5.35 21.87
CA VAL A 127 34.46 -4.49 22.77
C VAL A 127 33.37 -5.35 23.46
N ARG A 128 33.29 -5.24 24.78
CA ARG A 128 32.29 -5.94 25.56
C ARG A 128 31.73 -4.85 26.52
N LEU A 129 30.41 -4.79 26.68
CA LEU A 129 29.75 -3.81 27.55
C LEU A 129 29.54 -4.38 28.97
N HIS A 130 29.53 -3.54 29.99
CA HIS A 130 29.37 -4.05 31.33
C HIS A 130 28.53 -3.19 32.24
N ASP A 131 27.87 -3.85 33.19
CA ASP A 131 27.06 -3.17 34.22
C ASP A 131 26.06 -2.17 33.76
N LEU A 132 25.34 -2.50 32.69
CA LEU A 132 24.32 -1.60 32.13
C LEU A 132 23.20 -1.09 33.05
N GLN A 133 22.71 -1.91 33.95
CA GLN A 133 21.63 -1.46 34.82
C GLN A 133 22.13 -0.68 36.04
N GLY A 134 23.45 -0.65 36.23
CA GLY A 134 23.97 0.11 37.35
C GLY A 134 24.19 1.59 37.05
N GLU A 135 24.81 2.25 38.02
CA GLU A 135 25.16 3.67 38.00
C GLU A 135 26.51 3.93 37.31
N ARG A 136 27.36 2.90 37.25
CA ARG A 136 28.70 3.00 36.67
C ARG A 136 28.97 2.00 35.56
N PRO A 137 28.25 2.14 34.46
CA PRO A 137 28.46 1.22 33.36
C PRO A 137 29.89 1.41 32.81
N TYR A 138 30.50 0.36 32.26
CA TYR A 138 31.84 0.49 31.70
C TYR A 138 31.98 -0.45 30.51
N VAL A 139 32.98 -0.19 29.68
CA VAL A 139 33.22 -0.95 28.48
C VAL A 139 34.64 -1.49 28.52
N THR A 140 34.91 -2.61 27.84
CA THR A 140 36.27 -3.10 27.75
C THR A 140 36.57 -3.46 26.29
N PHE A 141 37.83 -3.24 25.88
CA PHE A 141 38.27 -3.54 24.53
C PHE A 141 39.76 -3.90 24.56
N GLU A 142 40.31 -4.30 23.42
CA GLU A 142 41.73 -4.63 23.33
C GLU A 142 42.34 -3.76 22.25
N ARG A 143 43.39 -3.06 22.64
CA ARG A 143 44.10 -2.17 21.75
C ARG A 143 45.53 -2.70 21.79
N ASP A 144 46.03 -3.12 20.65
CA ASP A 144 47.37 -3.68 20.56
C ASP A 144 47.66 -4.61 21.75
N GLY A 145 46.95 -5.74 21.76
CA GLY A 145 47.15 -6.75 22.78
C GLY A 145 46.72 -6.45 24.20
N GLU A 146 46.67 -5.19 24.59
CA GLU A 146 46.27 -4.92 25.95
C GLU A 146 44.78 -4.67 26.09
N ARG A 147 44.23 -5.10 27.23
CA ARG A 147 42.83 -4.93 27.52
C ARG A 147 42.67 -3.67 28.34
N LEU A 148 41.93 -2.70 27.79
CA LEU A 148 41.68 -1.42 28.46
C LEU A 148 40.23 -1.32 28.88
N ARG A 149 40.01 -0.54 29.93
CA ARG A 149 38.71 -0.33 30.45
C ARG A 149 38.31 1.14 30.32
N LEU A 150 37.10 1.38 29.81
CA LEU A 150 36.56 2.74 29.65
C LEU A 150 35.30 2.83 30.53
N ASP A 151 35.40 3.61 31.62
CA ASP A 151 34.27 3.79 32.52
C ASP A 151 33.47 4.96 31.98
N CYS A 152 32.15 4.94 32.19
CA CYS A 152 31.28 6.03 31.72
C CYS A 152 29.94 6.10 32.42
N ASP A 153 29.14 7.10 32.02
CA ASP A 153 27.80 7.31 32.60
C ASP A 153 26.76 6.60 31.74
N TYR A 154 26.93 6.74 30.42
CA TYR A 154 26.01 6.16 29.44
C TYR A 154 26.75 5.59 28.26
N ILE A 155 26.11 4.65 27.59
CA ILE A 155 26.66 4.03 26.43
C ILE A 155 25.73 4.24 25.23
N ALA A 156 26.28 4.66 24.10
CA ALA A 156 25.51 4.84 22.89
C ALA A 156 25.94 3.72 21.98
N GLY A 157 25.01 2.81 21.67
CA GLY A 157 25.33 1.72 20.77
C GLY A 157 25.08 2.22 19.35
N CYS A 158 26.14 2.61 18.65
CA CYS A 158 26.04 3.14 17.29
C CYS A 158 26.90 2.27 16.38
N ASP A 159 26.82 0.97 16.65
CA ASP A 159 27.65 0.01 15.96
C ASP A 159 27.05 -0.79 14.84
N GLY A 160 25.95 -0.30 14.30
CA GLY A 160 25.38 -0.97 13.15
C GLY A 160 24.76 -2.31 13.40
N PHE A 161 24.27 -2.85 12.29
CA PHE A 161 23.52 -4.09 12.36
C PHE A 161 24.23 -5.25 12.98
N HIS A 162 25.53 -5.37 12.74
CA HIS A 162 26.33 -6.44 13.32
C HIS A 162 27.09 -5.99 14.55
N GLY A 163 26.62 -4.92 15.18
CA GLY A 163 27.28 -4.39 16.34
C GLY A 163 27.31 -5.38 17.45
N ILE A 164 27.73 -4.90 18.62
CA ILE A 164 27.86 -5.70 19.84
C ILE A 164 26.85 -5.17 20.85
N SER A 165 26.41 -3.92 20.69
CA SER A 165 25.52 -3.37 21.70
C SER A 165 24.11 -3.92 21.73
N ARG A 166 23.48 -4.13 20.58
CA ARG A 166 22.13 -4.69 20.60
C ARG A 166 22.15 -6.08 21.27
N GLN A 167 23.24 -6.81 21.02
CA GLN A 167 23.46 -8.17 21.54
C GLN A 167 23.87 -8.23 22.98
N SER A 168 24.07 -7.08 23.62
CA SER A 168 24.48 -7.01 25.04
C SER A 168 23.28 -6.86 25.94
N ILE A 169 22.11 -6.65 25.34
CA ILE A 169 20.88 -6.53 26.09
C ILE A 169 20.33 -7.96 26.27
N PRO A 170 19.83 -8.30 27.46
CA PRO A 170 19.28 -9.66 27.67
C PRO A 170 18.20 -9.87 26.60
N ALA A 171 18.38 -10.91 25.79
CA ALA A 171 17.45 -11.14 24.66
C ALA A 171 15.97 -11.11 24.98
N GLU A 172 15.65 -11.67 26.13
CA GLU A 172 14.26 -11.80 26.53
C GLU A 172 13.59 -10.47 26.90
N ARG A 173 14.36 -9.39 26.92
CA ARG A 173 13.71 -8.13 27.24
C ARG A 173 13.41 -7.42 25.91
N LEU A 174 13.81 -8.04 24.79
CA LEU A 174 13.61 -7.38 23.51
C LEU A 174 12.69 -8.14 22.63
N LYS A 175 11.94 -7.43 21.80
CA LYS A 175 11.03 -8.00 20.81
C LYS A 175 11.55 -7.58 19.43
N VAL A 176 11.77 -8.56 18.57
CA VAL A 176 12.29 -8.35 17.23
C VAL A 176 11.23 -8.47 16.15
N PHE A 177 11.24 -7.51 15.23
CA PHE A 177 10.32 -7.46 14.08
C PHE A 177 11.26 -7.45 12.86
N GLU A 178 11.25 -8.50 12.05
CA GLU A 178 12.13 -8.55 10.90
C GLU A 178 11.45 -9.14 9.66
N ARG A 179 11.92 -8.76 8.49
CA ARG A 179 11.47 -9.29 7.19
C ARG A 179 12.78 -9.31 6.38
N VAL A 180 13.13 -10.47 5.81
CA VAL A 180 14.36 -10.56 4.99
C VAL A 180 13.86 -10.68 3.55
N TYR A 181 14.28 -9.78 2.69
CA TYR A 181 13.85 -9.85 1.31
C TYR A 181 14.62 -10.92 0.51
N PRO A 182 13.93 -11.49 -0.48
CA PRO A 182 14.46 -12.54 -1.37
C PRO A 182 15.35 -11.99 -2.47
N PHE A 183 16.00 -10.86 -2.21
CA PHE A 183 16.93 -10.25 -3.17
C PHE A 183 17.85 -9.27 -2.47
N GLY A 184 18.96 -8.92 -3.14
CA GLY A 184 19.91 -7.95 -2.63
C GLY A 184 20.14 -6.90 -3.72
N TRP A 185 20.91 -5.87 -3.37
CA TRP A 185 21.26 -4.81 -4.31
C TRP A 185 22.74 -4.93 -4.67
N LEU A 186 22.99 -5.10 -5.97
CA LEU A 186 24.36 -5.13 -6.50
C LEU A 186 24.59 -3.67 -6.88
N GLY A 187 25.51 -3.03 -6.16
CA GLY A 187 25.78 -1.62 -6.41
C GLY A 187 27.16 -1.44 -7.01
N LEU A 188 27.28 -0.42 -7.85
CA LEU A 188 28.54 -0.13 -8.53
C LEU A 188 28.86 1.36 -8.47
N LEU A 189 29.99 1.71 -7.86
CA LEU A 189 30.36 3.12 -7.83
C LEU A 189 31.31 3.34 -9.03
N ALA A 190 30.99 4.27 -9.94
CA ALA A 190 31.88 4.51 -11.10
C ALA A 190 32.20 5.99 -11.31
N ASP A 191 33.38 6.26 -11.87
CA ASP A 191 33.79 7.63 -12.11
C ASP A 191 33.40 8.07 -13.52
N THR A 192 32.08 8.05 -13.77
CA THR A 192 31.48 8.45 -15.02
C THR A 192 30.38 9.49 -14.75
N PRO A 193 30.05 10.35 -15.74
CA PRO A 193 28.98 11.27 -15.33
C PRO A 193 27.64 10.51 -15.29
N PRO A 194 26.80 10.82 -14.29
CA PRO A 194 25.50 10.15 -14.19
C PRO A 194 24.64 10.35 -15.43
N VAL A 195 23.94 9.28 -15.81
CA VAL A 195 23.08 9.32 -16.99
C VAL A 195 21.93 10.30 -16.83
N SER A 196 21.67 10.74 -15.60
CA SER A 196 20.57 11.65 -15.32
C SER A 196 20.83 12.62 -14.17
N HIS A 197 20.17 13.77 -14.23
CA HIS A 197 20.32 14.76 -13.16
C HIS A 197 19.44 14.30 -12.02
N GLU A 198 18.41 13.51 -12.33
CA GLU A 198 17.53 13.03 -11.30
C GLU A 198 17.74 11.56 -11.02
N LEU A 199 17.34 11.13 -9.84
CA LEU A 199 17.41 9.75 -9.53
C LEU A 199 16.28 9.04 -10.29
N ILE A 200 16.63 7.88 -10.82
CA ILE A 200 15.66 7.08 -11.55
C ILE A 200 15.56 5.68 -10.94
N TYR A 201 14.39 5.38 -10.38
CA TYR A 201 14.07 4.06 -9.81
C TYR A 201 13.35 3.40 -10.96
N ALA A 202 13.75 2.20 -11.34
CA ALA A 202 13.06 1.54 -12.43
C ALA A 202 12.50 0.17 -12.03
N ASN A 203 11.20 -0.03 -12.24
CA ASN A 203 10.61 -1.33 -11.96
C ASN A 203 10.63 -1.90 -13.36
N HIS A 204 11.27 -3.03 -13.53
CA HIS A 204 11.37 -3.66 -14.82
C HIS A 204 11.15 -5.15 -14.73
N PRO A 205 10.57 -5.76 -15.77
CA PRO A 205 10.34 -7.21 -15.72
C PRO A 205 11.59 -8.00 -15.30
N ARG A 206 12.76 -7.59 -15.75
CA ARG A 206 13.96 -8.33 -15.37
C ARG A 206 14.37 -8.04 -13.94
N GLY A 207 13.75 -7.06 -13.30
CA GLY A 207 14.13 -6.76 -11.95
C GLY A 207 14.39 -5.28 -11.80
N PHE A 208 14.56 -4.88 -10.55
CA PHE A 208 14.78 -3.49 -10.17
C PHE A 208 16.16 -2.94 -10.61
N ALA A 209 16.19 -1.67 -10.94
CA ALA A 209 17.43 -0.96 -11.26
C ALA A 209 17.27 0.43 -10.67
N LEU A 210 18.40 1.02 -10.27
CA LEU A 210 18.40 2.39 -9.72
C LEU A 210 19.55 3.23 -10.30
N CYS A 211 19.24 4.43 -10.78
CA CYS A 211 20.26 5.34 -11.29
C CYS A 211 20.42 6.51 -10.33
N SER A 212 21.55 6.59 -9.68
CA SER A 212 21.82 7.66 -8.75
C SER A 212 23.15 8.37 -9.12
N GLN A 213 23.66 9.15 -8.19
CA GLN A 213 24.85 9.92 -8.48
C GLN A 213 25.58 10.45 -7.22
N ARG A 214 26.79 10.98 -7.42
CA ARG A 214 27.57 11.55 -6.33
C ARG A 214 28.17 12.91 -6.73
N SER A 215 28.35 13.14 -8.04
CA SER A 215 28.90 14.40 -8.55
C SER A 215 28.61 14.50 -10.05
N ALA A 216 29.13 15.55 -10.69
CA ALA A 216 28.92 15.66 -12.13
C ALA A 216 29.72 14.57 -12.87
N THR A 217 30.74 14.02 -12.19
CA THR A 217 31.56 12.97 -12.81
C THR A 217 31.69 11.67 -11.99
N ARG A 218 30.81 11.49 -11.00
CA ARG A 218 30.83 10.24 -10.23
C ARG A 218 29.40 9.67 -10.18
N SER A 219 29.28 8.39 -10.48
CA SER A 219 27.98 7.75 -10.56
C SER A 219 27.78 6.59 -9.60
N ARG A 220 26.51 6.25 -9.35
CA ARG A 220 26.19 5.11 -8.48
C ARG A 220 24.95 4.46 -9.10
N TYR A 221 25.05 3.16 -9.34
CA TYR A 221 23.96 2.38 -9.92
C TYR A 221 23.73 1.08 -9.14
N TYR A 222 22.50 0.55 -9.23
CA TYR A 222 22.17 -0.71 -8.56
C TYR A 222 21.21 -1.50 -9.42
N VAL A 223 21.30 -2.82 -9.32
CA VAL A 223 20.33 -3.72 -9.97
C VAL A 223 20.03 -4.75 -8.89
N GLN A 224 18.78 -5.19 -8.75
CA GLN A 224 18.51 -6.18 -7.72
C GLN A 224 19.10 -7.46 -8.24
N VAL A 225 19.55 -8.31 -7.33
CA VAL A 225 20.08 -9.62 -7.67
C VAL A 225 19.57 -10.61 -6.64
N PRO A 226 19.43 -11.87 -7.02
CA PRO A 226 18.97 -12.92 -6.10
C PRO A 226 20.00 -13.13 -5.04
N LEU A 227 19.60 -13.76 -3.93
CA LEU A 227 20.51 -14.00 -2.81
C LEU A 227 21.64 -15.03 -3.03
N SER A 228 21.54 -15.83 -4.08
CA SER A 228 22.60 -16.81 -4.33
C SER A 228 23.84 -16.22 -5.05
N GLU A 229 23.72 -14.99 -5.54
CA GLU A 229 24.80 -14.34 -6.26
C GLU A 229 25.95 -13.83 -5.36
N LYS A 230 27.15 -13.85 -5.91
CA LYS A 230 28.36 -13.41 -5.22
C LYS A 230 28.86 -12.32 -6.16
N VAL A 231 29.35 -11.25 -5.59
CA VAL A 231 29.80 -10.15 -6.41
C VAL A 231 30.86 -10.60 -7.45
N GLU A 232 31.79 -11.44 -7.04
CA GLU A 232 32.85 -11.83 -7.97
C GLU A 232 32.30 -12.44 -9.24
N ASP A 233 31.01 -12.80 -9.26
CA ASP A 233 30.43 -13.37 -10.48
C ASP A 233 29.84 -12.27 -11.38
N TRP A 234 30.07 -11.03 -11.00
CA TRP A 234 29.54 -9.93 -11.75
C TRP A 234 30.65 -9.00 -12.12
N SER A 235 31.12 -9.13 -13.35
CA SER A 235 32.17 -8.25 -13.84
C SER A 235 31.46 -6.93 -14.21
N ASP A 236 32.22 -5.85 -14.27
CA ASP A 236 31.64 -4.57 -14.61
C ASP A 236 30.79 -4.63 -15.86
N GLU A 237 31.20 -5.40 -16.86
CA GLU A 237 30.44 -5.47 -18.11
C GLU A 237 29.13 -6.24 -17.98
N ARG A 238 29.12 -7.25 -17.12
CA ARG A 238 27.88 -8.02 -16.92
C ARG A 238 26.90 -7.04 -16.29
N PHE A 239 27.43 -6.24 -15.38
CA PHE A 239 26.62 -5.24 -14.72
C PHE A 239 26.03 -4.22 -15.70
N TRP A 240 26.89 -3.56 -16.46
CA TRP A 240 26.38 -2.53 -17.37
C TRP A 240 25.30 -3.03 -18.34
N THR A 241 25.49 -4.26 -18.79
CA THR A 241 24.55 -4.90 -19.73
C THR A 241 23.20 -5.12 -19.06
N GLU A 242 23.22 -5.70 -17.85
CA GLU A 242 21.94 -5.91 -17.15
C GLU A 242 21.28 -4.55 -16.78
N LEU A 243 22.07 -3.59 -16.35
CA LEU A 243 21.47 -2.30 -15.99
C LEU A 243 20.76 -1.72 -17.22
N LYS A 244 21.48 -1.65 -18.33
CA LYS A 244 20.86 -1.11 -19.53
C LYS A 244 19.58 -1.85 -19.92
N ALA A 245 19.59 -3.16 -19.74
CA ALA A 245 18.44 -4.00 -20.05
C ALA A 245 17.25 -3.65 -19.17
N ARG A 246 17.47 -2.95 -18.06
CA ARG A 246 16.36 -2.63 -17.18
C ARG A 246 15.94 -1.18 -17.26
N LEU A 247 16.58 -0.41 -18.13
CA LEU A 247 16.25 1.02 -18.21
C LEU A 247 15.55 1.48 -19.47
N PRO A 248 14.80 2.59 -19.41
CA PRO A 248 14.14 3.04 -20.65
C PRO A 248 15.24 3.16 -21.73
N SER A 249 14.97 2.70 -22.96
CA SER A 249 15.96 2.74 -24.03
C SER A 249 16.57 4.11 -24.19
N GLU A 250 15.73 5.13 -24.04
CA GLU A 250 16.17 6.50 -24.13
C GLU A 250 17.20 6.82 -23.05
N VAL A 251 17.15 6.10 -21.94
CA VAL A 251 18.12 6.33 -20.88
C VAL A 251 19.37 5.49 -21.11
N ALA A 252 19.17 4.21 -21.37
CA ALA A 252 20.26 3.27 -21.59
C ALA A 252 21.13 3.78 -22.74
N GLU A 253 20.48 4.48 -23.66
CA GLU A 253 21.13 5.08 -24.83
C GLU A 253 22.31 5.95 -24.46
N LYS A 254 22.03 7.00 -23.70
CA LYS A 254 23.05 7.95 -23.28
C LYS A 254 23.99 7.52 -22.17
N LEU A 255 23.77 6.34 -21.60
CA LEU A 255 24.61 5.84 -20.50
C LEU A 255 26.12 5.78 -20.74
N VAL A 256 26.90 6.60 -20.04
CA VAL A 256 28.34 6.50 -20.17
C VAL A 256 28.80 5.46 -19.15
N THR A 257 29.56 4.46 -19.56
CA THR A 257 30.00 3.43 -18.64
C THR A 257 31.48 3.52 -18.35
N GLY A 258 31.93 2.73 -17.40
CA GLY A 258 33.35 2.80 -17.10
C GLY A 258 33.68 1.78 -16.06
N PRO A 259 34.94 1.66 -15.70
CA PRO A 259 35.48 0.73 -14.70
C PRO A 259 34.90 1.04 -13.33
N SER A 260 34.50 0.02 -12.59
CA SER A 260 33.97 0.25 -11.26
C SER A 260 35.05 0.72 -10.26
N LEU A 261 34.75 1.69 -9.41
CA LEU A 261 35.63 2.12 -8.34
C LEU A 261 35.40 1.16 -7.18
N GLU A 262 34.16 0.67 -7.08
CA GLU A 262 33.74 -0.23 -5.99
C GLU A 262 32.46 -0.96 -6.43
N LYS A 263 32.28 -2.17 -5.92
CA LYS A 263 31.13 -2.98 -6.31
C LYS A 263 30.87 -3.83 -5.10
N SER A 264 29.59 -4.09 -4.84
CA SER A 264 29.19 -4.93 -3.69
C SER A 264 27.73 -5.30 -3.79
N ILE A 265 27.35 -6.28 -3.00
CA ILE A 265 25.96 -6.70 -2.97
C ILE A 265 25.48 -6.55 -1.56
N ALA A 266 24.39 -5.79 -1.43
CA ALA A 266 23.74 -5.53 -0.17
C ALA A 266 22.39 -6.29 -0.11
N PRO A 267 22.24 -7.21 0.86
CA PRO A 267 20.96 -7.93 0.97
C PRO A 267 19.97 -6.98 1.62
N LEU A 268 18.69 -7.10 1.27
CA LEU A 268 17.72 -6.18 1.81
C LEU A 268 16.94 -6.78 2.97
N ARG A 269 16.71 -5.96 3.98
CA ARG A 269 15.96 -6.45 5.11
C ARG A 269 15.28 -5.30 5.86
N SER A 270 14.29 -5.63 6.65
CA SER A 270 13.60 -4.66 7.50
C SER A 270 13.86 -5.26 8.85
N PHE A 271 14.10 -4.45 9.85
CA PHE A 271 14.41 -5.00 11.17
C PHE A 271 14.15 -3.88 12.17
N VAL A 272 13.45 -4.18 13.24
CA VAL A 272 13.16 -3.18 14.28
C VAL A 272 13.19 -3.88 15.66
N VAL A 273 13.85 -3.30 16.67
CA VAL A 273 13.77 -3.88 18.00
C VAL A 273 13.05 -2.92 18.91
N GLU A 274 12.32 -3.50 19.86
CA GLU A 274 11.55 -2.75 20.86
C GLU A 274 11.75 -3.44 22.21
N PRO A 275 12.20 -2.71 23.22
CA PRO A 275 12.55 -1.28 23.15
C PRO A 275 13.94 -1.16 22.48
N MET A 276 14.48 0.05 22.46
CA MET A 276 15.77 0.43 21.81
C MET A 276 16.80 0.88 22.86
N GLN A 277 16.59 0.46 24.09
CA GLN A 277 17.46 0.81 25.17
C GLN A 277 17.37 -0.26 26.27
N HIS A 278 18.24 -0.10 27.27
CA HIS A 278 18.31 -0.99 28.42
C HIS A 278 19.35 -0.40 29.40
N GLY A 279 18.83 0.03 30.55
CA GLY A 279 19.66 0.64 31.55
C GLY A 279 20.36 1.86 30.96
N ARG A 280 21.69 1.87 31.03
CA ARG A 280 22.49 3.00 30.54
C ARG A 280 22.88 2.87 29.07
N LEU A 281 22.39 1.85 28.39
CA LEU A 281 22.72 1.62 27.00
C LEU A 281 21.59 2.11 26.12
N PHE A 282 21.88 2.90 25.09
CA PHE A 282 20.83 3.37 24.18
C PHE A 282 21.27 3.05 22.75
N LEU A 283 20.43 2.35 21.96
CA LEU A 283 20.83 1.99 20.60
C LEU A 283 20.39 3.08 19.67
N ALA A 284 21.15 3.30 18.60
CA ALA A 284 20.78 4.30 17.64
C ALA A 284 21.22 3.84 16.26
N GLY A 285 20.48 4.19 15.23
CA GLY A 285 20.84 3.86 13.87
C GLY A 285 20.65 2.40 13.57
N ASP A 286 21.49 1.90 12.68
CA ASP A 286 21.48 0.52 12.23
C ASP A 286 21.62 -0.54 13.36
N ALA A 287 22.02 -0.08 14.54
CA ALA A 287 22.13 -1.00 15.67
C ALA A 287 20.72 -1.31 16.17
N ALA A 288 19.82 -0.36 15.97
CA ALA A 288 18.46 -0.56 16.47
C ALA A 288 17.49 -0.97 15.36
N HIS A 289 17.82 -0.68 14.11
CA HIS A 289 16.88 -0.97 13.04
C HIS A 289 17.48 -0.88 11.67
N ILE A 290 16.87 -1.61 10.73
CA ILE A 290 17.35 -1.57 9.36
C ILE A 290 16.11 -1.36 8.48
N VAL A 291 16.29 -0.58 7.41
CA VAL A 291 15.22 -0.40 6.42
C VAL A 291 15.88 -0.72 5.08
N PRO A 292 15.10 -1.26 4.16
CA PRO A 292 15.68 -1.57 2.85
C PRO A 292 15.99 -0.19 2.29
N PRO A 293 17.07 -0.05 1.51
CA PRO A 293 17.44 1.26 0.93
C PRO A 293 16.62 1.92 -0.13
N THR A 294 15.60 1.22 -0.65
CA THR A 294 14.72 1.75 -1.67
C THR A 294 14.14 3.09 -1.24
N GLY A 295 13.88 3.23 0.06
CA GLY A 295 13.30 4.47 0.56
C GLY A 295 14.25 5.58 0.93
N ALA A 296 15.55 5.26 0.91
CA ALA A 296 16.64 6.20 1.24
C ALA A 296 16.40 6.78 2.63
N LYS A 297 16.18 5.91 3.61
CA LYS A 297 15.84 6.44 4.92
C LYS A 297 16.77 6.11 6.08
N GLY A 298 17.56 5.05 5.95
CA GLY A 298 18.43 4.56 7.01
C GLY A 298 19.34 5.53 7.77
N LEU A 299 20.16 6.26 7.01
CA LEU A 299 21.06 7.23 7.60
C LEU A 299 20.19 8.32 8.17
N ASN A 300 19.16 8.72 7.43
CA ASN A 300 18.26 9.76 7.93
C ASN A 300 17.59 9.34 9.20
N LEU A 301 17.23 8.07 9.33
CA LEU A 301 16.62 7.59 10.59
C LEU A 301 17.70 7.61 11.68
N ALA A 302 18.90 7.22 11.32
CA ALA A 302 20.03 7.27 12.26
C ALA A 302 20.20 8.69 12.84
N ALA A 303 20.06 9.69 11.95
CA ALA A 303 20.22 11.11 12.30
C ALA A 303 19.21 11.57 13.33
N SER A 304 17.96 11.13 13.15
CA SER A 304 16.91 11.49 14.07
C SER A 304 17.05 10.71 15.40
N ASP A 305 17.54 9.45 15.38
CA ASP A 305 17.73 8.78 16.67
C ASP A 305 18.78 9.62 17.42
N VAL A 306 19.92 9.88 16.79
CA VAL A 306 20.99 10.64 17.45
C VAL A 306 20.49 12.00 17.95
N SER A 307 19.80 12.74 17.10
CA SER A 307 19.23 14.02 17.48
C SER A 307 18.46 13.90 18.79
N THR A 308 17.58 12.90 18.83
CA THR A 308 16.76 12.64 20.02
C THR A 308 17.60 12.17 21.21
N LEU A 309 18.59 11.34 20.94
CA LEU A 309 19.45 10.89 22.05
C LEU A 309 20.28 12.07 22.59
N TYR A 310 20.81 12.87 21.69
CA TYR A 310 21.59 14.03 22.10
C TYR A 310 20.68 14.94 22.95
N ARG A 311 19.53 15.31 22.42
CA ARG A 311 18.68 16.19 23.19
C ARG A 311 18.35 15.70 24.56
N LEU A 312 18.05 14.42 24.74
CA LEU A 312 17.70 13.93 26.05
C LEU A 312 18.91 13.82 26.97
N LEU A 313 20.09 13.57 26.39
CA LEU A 313 21.28 13.48 27.22
C LEU A 313 21.64 14.87 27.76
N LEU A 314 21.42 15.90 26.95
CA LEU A 314 21.70 17.25 27.42
C LEU A 314 20.80 17.50 28.63
N LYS A 315 19.53 17.13 28.54
CA LYS A 315 18.62 17.31 29.67
C LYS A 315 19.11 16.52 30.87
N ALA A 316 19.53 15.27 30.67
CA ALA A 316 20.05 14.47 31.79
C ALA A 316 21.30 15.12 32.40
N TYR A 317 22.24 15.56 31.58
CA TYR A 317 23.47 16.18 32.08
C TYR A 317 23.36 17.64 32.48
N ARG A 318 22.61 18.39 31.72
CA ARG A 318 22.47 19.81 31.98
C ARG A 318 21.24 20.08 32.82
N GLU A 319 20.83 19.09 33.61
CA GLU A 319 19.66 19.25 34.46
C GLU A 319 19.51 18.09 35.40
N GLY A 320 20.49 17.18 35.38
CA GLY A 320 20.43 16.01 36.23
C GLY A 320 19.20 15.16 35.98
N ARG A 321 18.42 15.51 34.95
CA ARG A 321 17.17 14.82 34.59
C ARG A 321 17.43 13.45 33.95
N GLY A 322 17.92 12.50 34.75
CA GLY A 322 18.23 11.15 34.26
C GLY A 322 17.11 10.17 33.88
N GLU A 323 15.91 10.37 34.41
CA GLU A 323 14.81 9.47 34.09
C GLU A 323 14.11 9.92 32.81
N LEU A 324 14.51 11.07 32.30
CA LEU A 324 13.93 11.60 31.07
C LEU A 324 14.38 10.74 29.88
N LEU A 325 15.47 10.01 30.07
CA LEU A 325 16.00 9.13 29.05
C LEU A 325 15.12 7.89 28.86
N GLU A 326 14.15 7.72 29.75
CA GLU A 326 13.26 6.57 29.64
C GLU A 326 12.37 6.65 28.38
N ARG A 327 12.06 7.88 27.95
CA ARG A 327 11.23 8.12 26.76
C ARG A 327 11.92 7.99 25.39
N TYR A 328 13.24 7.75 25.40
CA TYR A 328 14.00 7.65 24.15
C TYR A 328 13.38 6.66 23.15
N SER A 329 13.23 5.39 23.54
CA SER A 329 12.67 4.39 22.62
C SER A 329 11.35 4.82 22.02
N ALA A 330 10.38 5.17 22.86
CA ALA A 330 9.06 5.59 22.40
C ALA A 330 9.11 6.73 21.39
N ILE A 331 9.91 7.75 21.68
CA ILE A 331 10.04 8.86 20.76
C ILE A 331 10.60 8.37 19.42
N CYS A 332 11.70 7.62 19.46
CA CYS A 332 12.31 7.20 18.22
C CYS A 332 11.40 6.27 17.43
N LEU A 333 10.80 5.30 18.11
CA LEU A 333 9.96 4.33 17.40
C LEU A 333 8.86 4.90 16.57
N ARG A 334 8.34 6.05 16.97
CA ARG A 334 7.29 6.67 16.19
C ARG A 334 7.81 7.06 14.81
N ARG A 335 9.04 7.58 14.73
CA ARG A 335 9.57 7.96 13.44
C ARG A 335 10.01 6.69 12.72
N ILE A 336 10.59 5.78 13.48
CA ILE A 336 11.10 4.54 12.91
C ILE A 336 10.06 3.78 12.09
N TRP A 337 8.92 3.47 12.70
CA TRP A 337 7.88 2.72 12.01
C TRP A 337 7.36 3.40 10.77
N LYS A 338 7.27 4.72 10.80
CA LYS A 338 6.83 5.47 9.61
C LYS A 338 7.83 5.24 8.48
N ALA A 339 9.13 5.29 8.80
CA ALA A 339 10.16 5.05 7.77
C ALA A 339 10.13 3.60 7.30
N GLU A 340 9.95 2.67 8.23
CA GLU A 340 9.82 1.25 7.92
C GLU A 340 8.63 1.02 6.93
N ARG A 341 7.48 1.61 7.20
CA ARG A 341 6.36 1.45 6.30
C ARG A 341 6.67 1.98 4.90
N PHE A 342 7.10 3.24 4.79
CA PHE A 342 7.44 3.78 3.48
C PHE A 342 8.55 2.96 2.77
N SER A 343 9.59 2.60 3.51
CA SER A 343 10.67 1.83 2.91
C SER A 343 10.16 0.49 2.38
N TRP A 344 9.35 -0.19 3.17
CA TRP A 344 8.77 -1.46 2.76
C TRP A 344 7.90 -1.26 1.50
N TRP A 345 7.14 -0.17 1.50
CA TRP A 345 6.22 0.10 0.40
C TRP A 345 7.02 0.32 -0.89
N MET A 346 7.99 1.22 -0.83
CA MET A 346 8.82 1.48 -1.98
C MET A 346 9.36 0.14 -2.49
N THR A 347 9.89 -0.68 -1.59
CA THR A 347 10.46 -1.94 -1.97
C THR A 347 9.48 -2.85 -2.66
N SER A 348 8.28 -2.95 -2.11
CA SER A 348 7.31 -3.87 -2.67
C SER A 348 6.83 -3.46 -4.03
N VAL A 349 6.74 -2.16 -4.33
CA VAL A 349 6.24 -1.80 -5.67
C VAL A 349 7.32 -1.71 -6.73
N LEU A 350 8.57 -1.70 -6.32
CA LEU A 350 9.65 -1.53 -7.29
C LEU A 350 10.43 -2.77 -7.67
N HIS A 351 10.42 -3.77 -6.80
CA HIS A 351 11.17 -5.00 -7.11
C HIS A 351 10.33 -6.17 -7.61
N ARG A 352 10.99 -7.13 -8.25
CA ARG A 352 10.33 -8.36 -8.70
C ARG A 352 10.63 -9.42 -7.64
N PHE A 353 9.58 -10.05 -7.13
CA PHE A 353 9.72 -11.06 -6.09
C PHE A 353 9.55 -12.41 -6.76
N PRO A 354 10.22 -13.45 -6.26
CA PRO A 354 10.09 -14.80 -6.87
C PRO A 354 8.67 -15.38 -6.78
N ASP A 355 8.28 -16.13 -7.79
CA ASP A 355 6.93 -16.71 -7.86
C ASP A 355 5.83 -15.86 -7.23
N THR A 356 5.52 -14.80 -7.94
CA THR A 356 4.49 -13.86 -7.60
C THR A 356 3.44 -14.26 -8.64
N ASP A 357 2.19 -14.38 -8.24
CA ASP A 357 1.20 -14.79 -9.20
C ASP A 357 0.74 -13.62 -10.07
N ALA A 358 -0.03 -13.95 -11.09
CA ALA A 358 -0.52 -12.93 -12.00
C ALA A 358 -1.29 -11.78 -11.36
N PHE A 359 -2.20 -12.07 -10.44
CA PHE A 359 -2.97 -11.01 -9.80
C PHE A 359 -2.01 -10.07 -9.07
N SER A 360 -1.12 -10.67 -8.30
CA SER A 360 -0.15 -9.88 -7.55
C SER A 360 0.69 -8.96 -8.44
N GLN A 361 1.11 -9.45 -9.61
CA GLN A 361 1.93 -8.60 -10.49
C GLN A 361 1.12 -7.43 -11.07
N ARG A 362 -0.14 -7.71 -11.44
CA ARG A 362 -1.00 -6.67 -11.98
C ARG A 362 -1.27 -5.63 -10.87
N ILE A 363 -1.43 -6.11 -9.64
CA ILE A 363 -1.72 -5.19 -8.55
C ILE A 363 -0.52 -4.24 -8.39
N GLN A 364 0.68 -4.78 -8.48
CA GLN A 364 1.88 -3.97 -8.38
C GLN A 364 1.89 -2.89 -9.47
N GLN A 365 1.55 -3.27 -10.69
CA GLN A 365 1.53 -2.35 -11.78
C GLN A 365 0.45 -1.28 -11.46
N THR A 366 -0.71 -1.71 -10.98
CA THR A 366 -1.76 -0.75 -10.69
C THR A 366 -1.38 0.24 -9.59
N GLU A 367 -0.60 -0.23 -8.61
CA GLU A 367 -0.14 0.65 -7.50
C GLU A 367 0.71 1.80 -8.05
N LEU A 368 1.66 1.43 -8.91
CA LEU A 368 2.51 2.41 -9.56
C LEU A 368 1.65 3.39 -10.35
N GLU A 369 0.73 2.86 -11.16
CA GLU A 369 -0.14 3.69 -11.97
C GLU A 369 -0.86 4.70 -11.08
N TYR A 370 -1.43 4.22 -9.99
CA TYR A 370 -2.13 5.13 -9.11
C TYR A 370 -1.25 6.15 -8.41
N TYR A 371 -0.21 5.70 -7.72
CA TYR A 371 0.66 6.63 -7.01
C TYR A 371 1.52 7.58 -7.85
N LEU A 372 1.69 7.29 -9.13
CA LEU A 372 2.53 8.15 -9.96
C LEU A 372 1.67 8.96 -10.90
N GLY A 373 0.37 8.72 -10.87
CA GLY A 373 -0.54 9.41 -11.77
C GLY A 373 -1.68 10.17 -11.14
N SER A 374 -1.83 10.11 -9.81
CA SER A 374 -2.88 10.82 -9.09
C SER A 374 -2.20 11.82 -8.17
N GLU A 375 -2.74 13.04 -8.11
CA GLU A 375 -2.16 14.05 -7.27
C GLU A 375 -2.04 13.63 -5.84
N ALA A 376 -3.11 13.06 -5.26
CA ALA A 376 -2.99 12.65 -3.86
C ALA A 376 -1.95 11.52 -3.68
N GLY A 377 -1.94 10.58 -4.61
CA GLY A 377 -0.97 9.48 -4.51
C GLY A 377 0.46 9.95 -4.56
N LEU A 378 0.73 10.84 -5.52
CA LEU A 378 2.03 11.43 -5.73
C LEU A 378 2.45 12.17 -4.46
N ALA A 379 1.49 12.84 -3.84
CA ALA A 379 1.76 13.59 -2.63
C ALA A 379 2.20 12.69 -1.49
N THR A 380 1.64 11.48 -1.40
CA THR A 380 2.03 10.62 -0.29
C THR A 380 3.44 10.12 -0.53
N ILE A 381 3.85 10.00 -1.79
CA ILE A 381 5.22 9.54 -2.05
C ILE A 381 6.16 10.70 -1.72
N ALA A 382 5.83 11.87 -2.25
CA ALA A 382 6.67 13.01 -2.00
C ALA A 382 6.84 13.37 -0.55
N GLU A 383 5.76 13.47 0.22
CA GLU A 383 5.92 13.87 1.62
C GLU A 383 6.70 12.80 2.40
N ASN A 384 6.62 11.57 1.94
CA ASN A 384 7.36 10.51 2.61
C ASN A 384 8.82 10.54 2.14
N TYR A 385 9.02 10.82 0.85
CA TYR A 385 10.39 10.82 0.37
C TYR A 385 11.29 11.92 0.97
N VAL A 386 10.74 13.12 1.17
CA VAL A 386 11.49 14.24 1.70
C VAL A 386 11.62 14.13 3.19
N GLY A 387 11.05 13.05 3.72
CA GLY A 387 11.13 12.77 5.13
C GLY A 387 10.00 13.42 5.84
N LEU A 388 9.28 12.63 6.64
CA LEU A 388 8.15 13.16 7.40
C LEU A 388 8.77 14.08 8.45
N PRO A 389 7.94 14.95 9.05
CA PRO A 389 8.45 15.87 10.09
C PRO A 389 8.97 15.17 11.37
N TYR A 390 10.17 15.51 11.85
CA TYR A 390 10.71 14.90 13.07
C TYR A 390 9.63 15.03 14.16
N GLU A 391 9.70 14.21 15.21
CA GLU A 391 8.67 14.29 16.25
C GLU A 391 8.83 15.50 17.19
N GLU A 392 8.57 15.30 18.48
CA GLU A 392 8.66 16.40 19.44
C GLU A 392 9.64 16.19 20.59
N ILE A 393 9.79 14.94 21.02
CA ILE A 393 10.68 14.62 22.15
C ILE A 393 9.90 15.03 23.42
N GLU A 394 9.96 14.18 24.44
CA GLU A 394 9.25 14.39 25.69
C GLU A 394 7.75 14.16 25.46
N MET B 1 -38.10 -16.85 -30.52
CA MET B 1 -38.11 -15.48 -29.95
C MET B 1 -36.90 -14.75 -30.54
N LYS B 2 -37.03 -13.45 -30.74
CA LYS B 2 -35.94 -12.67 -31.30
C LYS B 2 -35.84 -11.29 -30.71
N THR B 3 -34.62 -10.79 -30.60
CA THR B 3 -34.47 -9.47 -30.05
C THR B 3 -33.18 -8.90 -30.57
N GLN B 4 -32.83 -7.72 -30.07
CA GLN B 4 -31.54 -7.18 -30.49
C GLN B 4 -30.39 -7.61 -29.54
N VAL B 5 -30.63 -7.46 -28.24
CA VAL B 5 -29.65 -7.84 -27.25
C VAL B 5 -30.26 -8.78 -26.21
N ALA B 6 -29.71 -9.99 -26.17
CA ALA B 6 -30.12 -11.00 -25.20
C ALA B 6 -29.25 -10.66 -23.94
N ILE B 7 -29.89 -10.51 -22.81
CA ILE B 7 -29.19 -10.21 -21.55
C ILE B 7 -29.39 -11.42 -20.63
N ILE B 8 -28.28 -11.97 -20.14
CA ILE B 8 -28.38 -13.11 -19.21
C ILE B 8 -28.25 -12.60 -17.78
N GLY B 9 -29.34 -12.68 -17.01
CA GLY B 9 -29.25 -12.23 -15.62
C GLY B 9 -30.10 -11.00 -15.40
N ALA B 10 -31.02 -11.08 -14.44
CA ALA B 10 -31.87 -9.96 -14.11
C ALA B 10 -31.47 -9.46 -12.76
N GLY B 11 -30.17 -9.39 -12.54
CA GLY B 11 -29.67 -8.79 -11.32
C GLY B 11 -29.51 -7.30 -11.69
N PRO B 12 -28.89 -6.49 -10.83
CA PRO B 12 -28.67 -5.07 -11.09
C PRO B 12 -28.06 -4.77 -12.46
N SER B 13 -26.97 -5.47 -12.82
CA SER B 13 -26.32 -5.26 -14.10
C SER B 13 -27.26 -5.46 -15.30
N GLY B 14 -27.94 -6.61 -15.33
CA GLY B 14 -28.82 -6.92 -16.46
C GLY B 14 -30.01 -5.95 -16.51
N LEU B 15 -30.61 -5.67 -15.37
CA LEU B 15 -31.75 -4.75 -15.30
C LEU B 15 -31.33 -3.32 -15.70
N LEU B 16 -30.16 -2.88 -15.24
CA LEU B 16 -29.73 -1.55 -15.62
C LEU B 16 -29.42 -1.48 -17.14
N LEU B 17 -28.75 -2.51 -17.68
CA LEU B 17 -28.40 -2.47 -19.10
C LEU B 17 -29.70 -2.44 -19.91
N GLY B 18 -30.65 -3.26 -19.46
CA GLY B 18 -31.94 -3.36 -20.12
C GLY B 18 -32.62 -2.00 -20.20
N GLN B 19 -32.68 -1.26 -19.08
CA GLN B 19 -33.27 0.08 -19.05
C GLN B 19 -32.59 1.04 -20.00
N LEU B 20 -31.26 1.08 -19.96
CA LEU B 20 -30.57 1.99 -20.82
C LEU B 20 -30.79 1.63 -22.29
N LEU B 21 -30.73 0.36 -22.63
CA LEU B 21 -30.91 0.00 -24.03
C LEU B 21 -32.33 0.38 -24.46
N HIS B 22 -33.31 0.11 -23.62
CA HIS B 22 -34.68 0.44 -23.95
C HIS B 22 -34.76 1.94 -24.21
N LYS B 23 -34.26 2.74 -23.27
CA LYS B 23 -34.31 4.19 -23.45
C LYS B 23 -33.76 4.57 -24.82
N ALA B 24 -32.70 3.93 -25.27
CA ALA B 24 -32.16 4.25 -26.59
C ALA B 24 -32.82 3.48 -27.77
N GLY B 25 -34.00 2.88 -27.52
CA GLY B 25 -34.73 2.17 -28.56
C GLY B 25 -34.15 0.85 -29.03
N ILE B 26 -33.26 0.26 -28.22
CA ILE B 26 -32.64 -1.02 -28.55
C ILE B 26 -33.38 -2.15 -27.82
N ASP B 27 -33.94 -3.08 -28.60
CA ASP B 27 -34.72 -4.16 -28.02
C ASP B 27 -33.78 -5.13 -27.31
N ASN B 28 -34.28 -5.63 -26.20
CA ASN B 28 -33.52 -6.53 -25.38
C ASN B 28 -34.47 -7.42 -24.65
N VAL B 29 -34.03 -8.62 -24.40
CA VAL B 29 -34.83 -9.54 -23.63
C VAL B 29 -33.89 -10.03 -22.50
N ILE B 30 -34.39 -10.13 -21.28
CA ILE B 30 -33.52 -10.62 -20.24
C ILE B 30 -33.95 -12.03 -19.87
N LEU B 31 -33.01 -12.95 -19.70
CA LEU B 31 -33.35 -14.31 -19.25
C LEU B 31 -32.77 -14.50 -17.84
N GLU B 32 -33.61 -14.88 -16.88
CA GLU B 32 -33.15 -15.07 -15.51
C GLU B 32 -33.52 -16.44 -14.98
N ARG B 33 -32.50 -17.11 -14.45
CA ARG B 33 -32.62 -18.43 -13.93
C ARG B 33 -33.55 -18.51 -12.70
N GLN B 34 -33.50 -17.54 -11.80
CA GLN B 34 -34.30 -17.67 -10.60
C GLN B 34 -35.67 -16.99 -10.72
N THR B 35 -36.41 -16.96 -9.61
CA THR B 35 -37.70 -16.28 -9.58
C THR B 35 -37.44 -14.83 -9.16
N PRO B 36 -38.42 -13.95 -9.39
CA PRO B 36 -38.27 -12.53 -9.01
C PRO B 36 -38.05 -12.45 -7.49
N ASP B 37 -38.83 -13.21 -6.74
CA ASP B 37 -38.68 -13.21 -5.29
C ASP B 37 -37.33 -13.69 -4.86
N TYR B 38 -36.82 -14.71 -5.51
CA TYR B 38 -35.51 -15.20 -5.13
C TYR B 38 -34.47 -14.09 -5.32
N VAL B 39 -34.48 -13.42 -6.47
CA VAL B 39 -33.48 -12.36 -6.73
C VAL B 39 -33.54 -11.26 -5.67
N LEU B 40 -34.78 -10.91 -5.30
CA LEU B 40 -35.04 -9.87 -4.32
C LEU B 40 -34.63 -10.28 -2.89
N GLY B 41 -34.48 -11.58 -2.65
CA GLY B 41 -34.05 -12.06 -1.35
C GLY B 41 -32.58 -11.77 -1.07
N ARG B 42 -31.82 -11.37 -2.08
CA ARG B 42 -30.39 -11.10 -1.89
C ARG B 42 -30.24 -9.74 -1.23
N ILE B 43 -29.48 -9.70 -0.15
CA ILE B 43 -29.30 -8.44 0.56
C ILE B 43 -28.07 -7.69 0.07
N ARG B 44 -26.96 -8.39 0.06
CA ARG B 44 -25.72 -7.79 -0.40
C ARG B 44 -25.36 -6.48 0.29
N GLY B 45 -25.03 -5.48 -0.53
CA GLY B 45 -24.52 -4.22 -0.02
C GLY B 45 -25.42 -3.02 -0.04
N GLY B 46 -24.88 -1.89 0.41
CA GLY B 46 -25.71 -0.69 0.47
C GLY B 46 -25.06 0.63 0.14
N VAL B 47 -23.89 0.62 -0.48
CA VAL B 47 -23.20 1.88 -0.77
C VAL B 47 -23.06 2.17 -2.25
N LEU B 48 -23.53 3.34 -2.67
CA LEU B 48 -23.45 3.72 -4.08
C LEU B 48 -22.58 4.93 -4.25
N GLU B 49 -21.80 4.94 -5.32
CA GLU B 49 -20.94 6.09 -5.64
C GLU B 49 -21.86 7.05 -6.43
N GLN B 50 -21.45 8.28 -6.67
CA GLN B 50 -22.39 9.15 -7.40
C GLN B 50 -22.54 8.73 -8.87
N GLY B 51 -21.52 8.10 -9.44
CA GLY B 51 -21.68 7.66 -10.82
C GLY B 51 -22.98 6.84 -11.00
N MET B 52 -23.26 6.01 -10.02
CA MET B 52 -24.41 5.14 -10.09
C MET B 52 -25.75 5.80 -9.86
N VAL B 53 -25.81 6.78 -8.99
CA VAL B 53 -27.07 7.42 -8.73
C VAL B 53 -27.64 8.12 -9.96
N ASP B 54 -26.76 8.78 -10.72
CA ASP B 54 -27.17 9.50 -11.94
C ASP B 54 -27.62 8.54 -13.02
N LEU B 55 -26.88 7.45 -13.13
CA LEU B 55 -27.16 6.43 -14.11
C LEU B 55 -28.55 5.86 -13.83
N LEU B 56 -28.87 5.67 -12.55
CA LEU B 56 -30.18 5.13 -12.18
C LEU B 56 -31.31 6.06 -12.66
N ARG B 57 -31.12 7.36 -12.42
CA ARG B 57 -32.12 8.31 -12.86
C ARG B 57 -32.21 8.23 -14.37
N GLU B 58 -31.06 8.24 -15.01
CA GLU B 58 -30.94 8.19 -16.45
C GLU B 58 -31.56 6.93 -17.03
N ALA B 59 -31.70 5.91 -16.19
CA ALA B 59 -32.26 4.64 -16.61
C ALA B 59 -33.75 4.60 -16.39
N GLY B 60 -34.29 5.72 -15.91
CA GLY B 60 -35.72 5.81 -15.70
C GLY B 60 -36.24 5.36 -14.34
N VAL B 61 -35.36 5.22 -13.36
CA VAL B 61 -35.81 4.75 -12.07
C VAL B 61 -35.69 5.83 -11.05
N ASP B 62 -34.93 5.55 -9.98
CA ASP B 62 -34.68 6.49 -8.90
C ASP B 62 -35.64 7.66 -8.87
N ARG B 63 -36.84 7.36 -8.36
CA ARG B 63 -37.90 8.33 -8.21
C ARG B 63 -38.22 8.20 -6.72
N ARG B 64 -37.30 7.54 -6.02
CA ARG B 64 -37.43 7.34 -4.59
C ARG B 64 -36.26 7.99 -3.88
N MET B 65 -36.32 9.31 -3.79
CA MET B 65 -35.28 10.10 -3.12
C MET B 65 -35.33 9.85 -1.60
N ALA B 66 -36.27 8.99 -1.19
CA ALA B 66 -36.47 8.61 0.22
C ALA B 66 -36.09 7.14 0.42
N ARG B 67 -37.04 6.24 0.11
CA ARG B 67 -36.81 4.81 0.25
C ARG B 67 -37.06 4.08 -1.08
N LEU B 70 -32.39 5.91 1.52
CA LEU B 70 -31.61 6.63 0.51
C LEU B 70 -31.16 7.94 1.15
N VAL B 71 -29.99 7.89 1.76
CA VAL B 71 -29.39 9.02 2.48
C VAL B 71 -27.94 9.15 2.05
N HIS B 72 -27.25 10.18 2.52
CA HIS B 72 -25.82 10.34 2.23
C HIS B 72 -25.10 10.15 3.55
N GLU B 73 -23.97 9.44 3.54
CA GLU B 73 -23.23 9.20 4.77
C GLU B 73 -21.75 9.31 4.56
N GLY B 74 -21.03 9.54 5.66
CA GLY B 74 -19.58 9.66 5.64
C GLY B 74 -18.92 8.34 6.04
N VAL B 75 -17.60 8.34 6.12
CA VAL B 75 -16.91 7.12 6.47
C VAL B 75 -16.00 7.27 7.67
N GLU B 76 -15.97 6.24 8.48
CA GLU B 76 -15.17 6.24 9.69
C GLU B 76 -14.41 4.92 9.77
N ILE B 77 -13.16 4.98 10.21
CA ILE B 77 -12.35 3.77 10.41
C ILE B 77 -11.85 3.72 11.88
N ALA B 78 -12.19 2.65 12.59
CA ALA B 78 -11.75 2.53 13.96
C ALA B 78 -10.58 1.58 14.01
N PHE B 79 -9.54 1.97 14.72
CA PHE B 79 -8.41 1.05 14.88
C PHE B 79 -7.60 1.37 16.12
N ALA B 80 -6.99 0.36 16.70
CA ALA B 80 -6.14 0.52 17.87
C ALA B 80 -6.67 1.60 18.77
N GLY B 81 -7.82 1.38 19.38
CA GLY B 81 -8.36 2.36 20.30
C GLY B 81 -8.91 3.68 19.80
N GLN B 82 -8.81 3.98 18.51
CA GLN B 82 -9.32 5.26 18.01
C GLN B 82 -10.34 5.11 16.88
N ARG B 83 -10.95 6.24 16.50
CA ARG B 83 -11.94 6.30 15.43
C ARG B 83 -11.63 7.55 14.64
N ARG B 84 -11.32 7.38 13.36
CA ARG B 84 -10.97 8.50 12.51
C ARG B 84 -12.03 8.67 11.42
N ARG B 85 -12.64 9.83 11.39
CA ARG B 85 -13.66 10.06 10.40
C ARG B 85 -12.98 10.57 9.15
N ILE B 86 -13.43 10.12 7.97
CA ILE B 86 -12.84 10.59 6.72
C ILE B 86 -13.81 11.61 6.12
N ASP B 87 -13.38 12.88 6.12
CA ASP B 87 -14.19 13.97 5.56
C ASP B 87 -14.28 13.80 4.06
N LEU B 88 -15.21 12.95 3.63
CA LEU B 88 -15.36 12.68 2.20
C LEU B 88 -15.60 13.90 1.31
N LYS B 89 -16.56 14.72 1.74
CA LYS B 89 -16.95 15.92 1.01
C LYS B 89 -15.84 16.93 0.85
N ARG B 90 -15.22 17.30 1.95
CA ARG B 90 -14.11 18.25 1.94
C ARG B 90 -12.90 17.67 1.21
N LEU B 91 -12.61 16.40 1.44
CA LEU B 91 -11.43 15.79 0.87
C LEU B 91 -11.49 15.37 -0.57
N SER B 92 -12.69 15.13 -1.06
CA SER B 92 -12.82 14.64 -2.42
C SER B 92 -13.36 15.65 -3.42
N GLY B 93 -13.39 16.93 -3.06
CA GLY B 93 -13.91 17.92 -4.00
C GLY B 93 -15.43 17.99 -4.06
N GLY B 94 -16.07 17.78 -2.91
CA GLY B 94 -17.52 17.86 -2.88
C GLY B 94 -18.34 16.63 -3.21
N LYS B 95 -17.73 15.45 -3.22
CA LYS B 95 -18.50 14.23 -3.51
C LYS B 95 -18.77 13.47 -2.25
N THR B 96 -19.73 12.55 -2.32
CA THR B 96 -20.10 11.71 -1.18
C THR B 96 -20.72 10.38 -1.67
N VAL B 97 -21.13 9.49 -0.76
CA VAL B 97 -21.72 8.28 -1.26
C VAL B 97 -23.14 8.24 -0.74
N THR B 98 -23.92 7.35 -1.28
CA THR B 98 -25.31 7.27 -0.93
C THR B 98 -25.52 5.92 -0.37
N VAL B 99 -26.34 5.80 0.66
CA VAL B 99 -26.58 4.47 1.19
C VAL B 99 -27.94 4.07 0.64
N TYR B 100 -27.99 2.90 0.05
CA TYR B 100 -29.23 2.44 -0.55
C TYR B 100 -29.05 0.95 -0.78
N GLY B 101 -29.87 0.13 -0.16
CA GLY B 101 -29.70 -1.30 -0.28
C GLY B 101 -29.79 -1.81 -1.70
N GLN B 102 -28.95 -2.80 -2.01
CA GLN B 102 -28.97 -3.41 -3.31
C GLN B 102 -30.38 -4.01 -3.58
N THR B 103 -31.04 -4.45 -2.52
CA THR B 103 -32.38 -5.00 -2.70
C THR B 103 -33.33 -3.93 -3.24
N GLU B 104 -33.26 -2.72 -2.70
CA GLU B 104 -34.11 -1.61 -3.14
C GLU B 104 -33.72 -1.16 -4.56
N VAL B 105 -32.42 -1.08 -4.83
CA VAL B 105 -31.98 -0.74 -6.18
C VAL B 105 -32.59 -1.75 -7.16
N THR B 106 -32.47 -3.02 -6.83
CA THR B 106 -32.93 -4.09 -7.70
C THR B 106 -34.44 -4.05 -7.89
N ARG B 107 -35.15 -3.85 -6.81
CA ARG B 107 -36.61 -3.73 -6.86
C ARG B 107 -36.97 -2.46 -7.61
N ASP B 108 -36.17 -1.41 -7.48
CA ASP B 108 -36.49 -0.20 -8.19
C ASP B 108 -36.39 -0.49 -9.69
N LEU B 109 -35.28 -1.10 -10.14
CA LEU B 109 -35.11 -1.44 -11.59
C LEU B 109 -36.17 -2.45 -12.06
N MET B 110 -36.57 -3.36 -11.19
CA MET B 110 -37.57 -4.33 -11.62
C MET B 110 -38.88 -3.60 -11.92
N GLU B 111 -39.16 -2.57 -11.15
CA GLU B 111 -40.38 -1.82 -11.36
C GLU B 111 -40.28 -0.96 -12.60
N ALA B 112 -39.12 -0.35 -12.80
CA ALA B 112 -38.94 0.48 -13.98
C ALA B 112 -39.05 -0.39 -15.25
N ARG B 113 -38.56 -1.64 -15.23
CA ARG B 113 -38.68 -2.51 -16.42
C ARG B 113 -40.15 -2.91 -16.63
N GLU B 114 -40.80 -3.35 -15.56
CA GLU B 114 -42.18 -3.80 -15.64
C GLU B 114 -43.08 -2.69 -16.13
N ALA B 115 -42.77 -1.47 -15.72
CA ALA B 115 -43.53 -0.31 -16.12
C ALA B 115 -43.26 0.03 -17.58
N CYS B 116 -42.26 -0.59 -18.18
CA CYS B 116 -41.98 -0.36 -19.61
C CYS B 116 -42.58 -1.54 -20.40
N GLY B 117 -43.05 -2.56 -19.70
CA GLY B 117 -43.57 -3.76 -20.38
C GLY B 117 -42.49 -4.58 -21.11
N ALA B 118 -41.21 -4.23 -20.91
CA ALA B 118 -40.08 -4.93 -21.54
C ALA B 118 -40.07 -6.41 -21.13
N THR B 119 -39.42 -7.23 -21.93
CA THR B 119 -39.44 -8.64 -21.67
C THR B 119 -38.40 -9.20 -20.69
N THR B 120 -38.90 -9.89 -19.67
CA THR B 120 -37.98 -10.55 -18.79
C THR B 120 -38.57 -11.96 -18.57
N VAL B 121 -37.75 -12.96 -18.83
CA VAL B 121 -38.19 -14.34 -18.60
C VAL B 121 -37.53 -14.90 -17.35
N TYR B 122 -38.28 -15.03 -16.26
CA TYR B 122 -37.75 -15.61 -15.05
C TYR B 122 -37.84 -17.16 -15.13
N GLN B 123 -37.13 -17.82 -14.22
CA GLN B 123 -37.05 -19.27 -14.23
C GLN B 123 -36.62 -19.84 -15.58
N ALA B 124 -35.65 -19.19 -16.22
CA ALA B 124 -35.16 -19.64 -17.52
C ALA B 124 -34.01 -20.56 -17.15
N ALA B 125 -34.25 -21.85 -17.33
CA ALA B 125 -33.28 -22.86 -16.94
C ALA B 125 -32.44 -23.29 -18.08
N GLU B 126 -31.32 -23.89 -17.73
CA GLU B 126 -30.36 -24.44 -18.67
C GLU B 126 -30.00 -23.45 -19.75
N VAL B 127 -29.72 -22.20 -19.40
CA VAL B 127 -29.35 -21.24 -20.45
C VAL B 127 -28.03 -21.69 -21.08
N ARG B 128 -27.95 -21.65 -22.40
CA ARG B 128 -26.71 -22.02 -23.08
C ARG B 128 -26.57 -21.02 -24.21
N LEU B 129 -25.34 -20.60 -24.49
CA LEU B 129 -25.13 -19.62 -25.52
C LEU B 129 -24.59 -20.33 -26.74
N HIS B 130 -24.91 -19.86 -27.95
CA HIS B 130 -24.47 -20.48 -29.20
C HIS B 130 -23.99 -19.54 -30.28
N ASP B 131 -23.00 -20.00 -31.05
CA ASP B 131 -22.56 -19.29 -32.22
C ASP B 131 -22.15 -17.85 -31.98
N LEU B 132 -21.31 -17.67 -30.96
CA LEU B 132 -20.78 -16.37 -30.54
C LEU B 132 -19.91 -15.67 -31.62
N GLN B 133 -19.35 -16.46 -32.53
CA GLN B 133 -18.51 -15.90 -33.60
C GLN B 133 -19.35 -15.58 -34.84
N GLY B 134 -20.56 -16.10 -34.92
CA GLY B 134 -21.40 -15.80 -36.09
C GLY B 134 -22.09 -14.43 -36.05
N GLU B 135 -22.89 -14.13 -37.08
CA GLU B 135 -23.60 -12.87 -37.13
C GLU B 135 -24.96 -13.05 -36.46
N ARG B 136 -25.40 -14.31 -36.34
CA ARG B 136 -26.69 -14.59 -35.71
C ARG B 136 -26.55 -15.52 -34.49
N PRO B 137 -25.98 -14.99 -33.40
CA PRO B 137 -25.81 -15.82 -32.22
C PRO B 137 -27.16 -16.08 -31.56
N TYR B 138 -27.27 -17.14 -30.76
CA TYR B 138 -28.54 -17.37 -30.11
C TYR B 138 -28.40 -18.07 -28.77
N VAL B 139 -29.43 -17.96 -27.98
CA VAL B 139 -29.48 -18.55 -26.66
C VAL B 139 -30.59 -19.58 -26.57
N THR B 140 -30.35 -20.74 -25.95
CA THR B 140 -31.39 -21.74 -25.74
C THR B 140 -31.63 -21.84 -24.23
N PHE B 141 -32.85 -22.13 -23.85
CA PHE B 141 -33.20 -22.26 -22.45
C PHE B 141 -34.50 -23.05 -22.35
N GLU B 142 -34.86 -23.39 -21.12
CA GLU B 142 -36.07 -24.15 -20.86
C GLU B 142 -36.95 -23.40 -19.89
N ARG B 143 -38.22 -23.27 -20.24
CA ARG B 143 -39.19 -22.60 -19.40
C ARG B 143 -40.34 -23.56 -19.30
N ASP B 144 -40.57 -24.01 -18.08
CA ASP B 144 -41.60 -24.98 -17.78
C ASP B 144 -41.67 -26.12 -18.79
N GLY B 145 -40.56 -26.85 -18.90
CA GLY B 145 -40.53 -28.00 -19.79
C GLY B 145 -40.14 -27.82 -21.24
N GLU B 146 -40.50 -26.70 -21.85
CA GLU B 146 -40.14 -26.50 -23.26
C GLU B 146 -38.86 -25.78 -23.53
N ARG B 147 -38.13 -26.24 -24.54
CA ARG B 147 -36.90 -25.61 -24.89
C ARG B 147 -37.26 -24.50 -25.81
N LEU B 148 -36.86 -23.32 -25.39
CA LEU B 148 -37.10 -22.12 -26.14
C LEU B 148 -35.80 -21.62 -26.73
N ARG B 149 -35.91 -20.76 -27.71
CA ARG B 149 -34.74 -20.24 -28.33
C ARG B 149 -34.86 -18.72 -28.49
N LEU B 150 -33.77 -17.97 -28.28
CA LEU B 150 -33.82 -16.51 -28.44
C LEU B 150 -32.68 -16.07 -29.36
N ASP B 151 -33.05 -15.56 -30.54
CA ASP B 151 -32.10 -15.09 -31.53
C ASP B 151 -31.80 -13.64 -31.20
N CYS B 152 -30.57 -13.20 -31.44
CA CYS B 152 -30.17 -11.81 -31.11
C CYS B 152 -28.95 -11.42 -31.94
N ASP B 153 -28.53 -10.16 -31.84
CA ASP B 153 -27.33 -9.68 -32.55
C ASP B 153 -26.13 -9.80 -31.60
N TYR B 154 -26.41 -9.56 -30.32
CA TYR B 154 -25.40 -9.58 -29.26
C TYR B 154 -25.98 -10.19 -27.97
N ILE B 155 -25.09 -10.71 -27.13
CA ILE B 155 -25.46 -11.29 -25.84
C ILE B 155 -24.66 -10.54 -24.76
N ALA B 156 -25.34 -10.07 -23.73
CA ALA B 156 -24.63 -9.45 -22.60
C ALA B 156 -24.74 -10.48 -21.46
N GLY B 157 -23.59 -10.92 -20.97
CA GLY B 157 -23.57 -11.84 -19.86
C GLY B 157 -23.52 -11.00 -18.60
N CYS B 158 -24.66 -10.89 -17.94
CA CYS B 158 -24.83 -10.12 -16.72
C CYS B 158 -25.28 -11.11 -15.67
N ASP B 159 -24.67 -12.30 -15.73
CA ASP B 159 -25.08 -13.38 -14.87
C ASP B 159 -24.24 -13.69 -13.61
N GLY B 160 -23.45 -12.74 -13.14
CA GLY B 160 -22.75 -12.95 -11.89
C GLY B 160 -21.60 -13.91 -11.91
N PHE B 161 -21.02 -14.11 -10.74
CA PHE B 161 -19.84 -14.92 -10.64
C PHE B 161 -19.96 -16.36 -11.14
N HIS B 162 -21.11 -16.97 -10.86
CA HIS B 162 -21.31 -18.35 -11.26
C HIS B 162 -22.27 -18.49 -12.42
N GLY B 163 -22.28 -17.47 -13.27
CA GLY B 163 -23.15 -17.48 -14.43
C GLY B 163 -22.65 -18.41 -15.49
N ILE B 164 -23.39 -18.52 -16.58
CA ILE B 164 -22.95 -19.44 -17.62
C ILE B 164 -22.16 -18.70 -18.67
N SER B 165 -22.32 -17.39 -18.76
CA SER B 165 -21.68 -16.69 -19.86
C SER B 165 -20.15 -16.66 -19.85
N ARG B 166 -19.53 -16.44 -18.69
CA ARG B 166 -18.04 -16.45 -18.70
C ARG B 166 -17.55 -17.88 -19.06
N GLN B 167 -18.36 -18.88 -18.73
CA GLN B 167 -18.03 -20.28 -18.98
C GLN B 167 -18.29 -20.65 -20.43
N SER B 168 -18.73 -19.68 -21.26
CA SER B 168 -19.03 -20.00 -22.64
C SER B 168 -17.96 -19.48 -23.57
N ILE B 169 -16.94 -18.85 -23.01
CA ILE B 169 -15.82 -18.33 -23.76
C ILE B 169 -14.69 -19.36 -23.67
N PRO B 170 -14.17 -19.80 -24.81
CA PRO B 170 -13.07 -20.77 -24.84
C PRO B 170 -11.97 -20.38 -23.86
N ALA B 171 -11.65 -21.31 -22.96
CA ALA B 171 -10.68 -21.07 -21.91
C ALA B 171 -9.43 -20.36 -22.34
N GLU B 172 -8.82 -20.88 -23.38
CA GLU B 172 -7.57 -20.33 -23.89
C GLU B 172 -7.63 -18.87 -24.38
N ARG B 173 -8.83 -18.31 -24.52
CA ARG B 173 -8.96 -16.91 -24.96
C ARG B 173 -8.86 -15.98 -23.75
N LEU B 174 -9.01 -16.54 -22.56
CA LEU B 174 -9.00 -15.72 -21.35
C LEU B 174 -7.80 -15.89 -20.47
N LYS B 175 -7.37 -14.79 -19.85
CA LYS B 175 -6.27 -14.82 -18.86
C LYS B 175 -7.04 -14.52 -17.57
N VAL B 176 -6.87 -15.35 -16.55
CA VAL B 176 -7.60 -15.17 -15.28
C VAL B 176 -6.67 -14.72 -14.14
N PHE B 177 -7.08 -13.70 -13.40
CA PHE B 177 -6.30 -13.19 -12.27
C PHE B 177 -7.19 -13.44 -11.09
N GLU B 178 -6.66 -14.06 -10.04
CA GLU B 178 -7.54 -14.31 -8.88
C GLU B 178 -6.80 -14.46 -7.58
N ARG B 179 -7.36 -13.88 -6.52
CA ARG B 179 -6.84 -14.05 -5.17
C ARG B 179 -8.03 -14.36 -4.31
N VAL B 180 -7.93 -15.44 -3.52
CA VAL B 180 -9.03 -15.88 -2.64
C VAL B 180 -8.58 -15.58 -1.21
N TYR B 181 -9.31 -14.72 -0.52
CA TYR B 181 -8.93 -14.35 0.83
C TYR B 181 -9.25 -15.43 1.83
N PRO B 182 -8.40 -15.56 2.85
CA PRO B 182 -8.60 -16.61 3.87
C PRO B 182 -9.67 -16.32 4.93
N PHE B 183 -10.80 -15.76 4.53
CA PHE B 183 -11.89 -15.42 5.43
C PHE B 183 -13.10 -14.99 4.65
N GLY B 184 -14.26 -14.99 5.32
CA GLY B 184 -15.51 -14.53 4.72
C GLY B 184 -16.12 -13.49 5.65
N TRP B 185 -17.22 -12.88 5.20
CA TRP B 185 -17.96 -11.87 5.97
C TRP B 185 -19.27 -12.49 6.42
N LEU B 186 -19.46 -12.55 7.72
CA LEU B 186 -20.73 -13.06 8.28
C LEU B 186 -21.50 -11.75 8.36
N GLY B 187 -22.55 -11.63 7.57
CA GLY B 187 -23.32 -10.38 7.57
C GLY B 187 -24.67 -10.59 8.20
N LEU B 188 -25.21 -9.55 8.82
CA LEU B 188 -26.48 -9.67 9.48
C LEU B 188 -27.32 -8.44 9.22
N LEU B 189 -28.55 -8.69 8.79
CA LEU B 189 -29.46 -7.58 8.55
C LEU B 189 -30.43 -7.58 9.77
N ALA B 190 -30.62 -6.40 10.37
CA ALA B 190 -31.49 -6.32 11.57
C ALA B 190 -32.46 -5.14 11.49
N ASP B 191 -33.63 -5.33 12.10
CA ASP B 191 -34.63 -4.27 12.10
C ASP B 191 -34.46 -3.38 13.33
N THR B 192 -33.26 -2.83 13.47
CA THR B 192 -32.91 -1.99 14.60
C THR B 192 -32.32 -0.67 14.05
N PRO B 193 -32.36 0.40 14.86
CA PRO B 193 -31.78 1.66 14.38
C PRO B 193 -30.26 1.49 14.34
N PRO B 194 -29.61 2.01 13.29
CA PRO B 194 -28.15 1.85 13.23
C PRO B 194 -27.45 2.55 14.39
N VAL B 195 -26.30 2.01 14.81
CA VAL B 195 -25.53 2.60 15.91
C VAL B 195 -24.79 3.90 15.50
N SER B 196 -24.71 4.19 14.19
CA SER B 196 -24.06 5.40 13.73
C SER B 196 -24.65 5.83 12.37
N HIS B 197 -24.48 7.08 12.02
CA HIS B 197 -24.94 7.60 10.74
C HIS B 197 -23.72 7.57 9.86
N GLU B 198 -22.61 7.05 10.41
CA GLU B 198 -21.36 6.92 9.64
C GLU B 198 -21.20 5.43 9.36
N LEU B 199 -20.62 5.11 8.23
CA LEU B 199 -20.31 3.74 7.92
C LEU B 199 -19.09 3.56 8.87
N ILE B 200 -19.03 2.47 9.64
CA ILE B 200 -17.88 2.29 10.50
C ILE B 200 -17.10 1.01 10.26
N TYR B 201 -15.88 1.16 9.73
CA TYR B 201 -15.01 0.04 9.44
C TYR B 201 -14.12 -0.10 10.65
N ALA B 202 -13.96 -1.30 11.18
CA ALA B 202 -13.09 -1.47 12.35
C ALA B 202 -12.03 -2.52 12.18
N ASN B 203 -10.76 -2.15 12.37
CA ASN B 203 -9.69 -3.13 12.29
C ASN B 203 -9.52 -3.42 13.81
N HIS B 204 -9.60 -4.66 14.25
CA HIS B 204 -9.46 -4.98 15.68
C HIS B 204 -8.70 -6.28 15.79
N PRO B 205 -7.96 -6.48 16.88
CA PRO B 205 -7.18 -7.72 17.08
C PRO B 205 -8.00 -8.97 16.80
N ARG B 206 -9.27 -8.97 17.21
CA ARG B 206 -10.07 -10.16 16.99
C ARG B 206 -10.50 -10.31 15.52
N GLY B 207 -10.33 -9.27 14.72
CA GLY B 207 -10.78 -9.36 13.35
C GLY B 207 -11.63 -8.17 12.99
N PHE B 208 -11.90 -8.07 11.70
CA PHE B 208 -12.65 -6.99 11.08
C PHE B 208 -14.10 -6.91 11.48
N ALA B 209 -14.66 -5.71 11.46
CA ALA B 209 -16.11 -5.57 11.67
C ALA B 209 -16.54 -4.35 10.92
N LEU B 210 -17.80 -4.32 10.51
CA LEU B 210 -18.29 -3.17 9.76
C LEU B 210 -19.71 -2.82 10.21
N CYS B 211 -20.00 -1.53 10.41
CA CYS B 211 -21.36 -1.06 10.79
C CYS B 211 -21.94 -0.22 9.67
N SER B 212 -23.10 -0.60 9.20
CA SER B 212 -23.71 0.18 8.14
C SER B 212 -25.22 0.19 8.35
N GLN B 213 -25.95 0.69 7.38
CA GLN B 213 -27.38 0.78 7.54
C GLN B 213 -28.16 0.70 6.25
N ARG B 214 -29.48 0.60 6.37
CA ARG B 214 -30.33 0.61 5.20
C ARG B 214 -31.35 1.72 5.36
N SER B 215 -31.69 2.07 6.61
CA SER B 215 -32.68 3.12 6.91
C SER B 215 -32.55 3.48 8.36
N ALA B 216 -33.42 4.37 8.84
CA ALA B 216 -33.39 4.81 10.24
C ALA B 216 -33.68 3.68 11.23
N THR B 217 -34.37 2.63 10.77
CA THR B 217 -34.66 1.54 11.67
C THR B 217 -34.28 0.22 11.12
N ARG B 218 -33.35 0.23 10.17
CA ARG B 218 -32.84 -1.02 9.61
C ARG B 218 -31.29 -0.94 9.46
N SER B 219 -30.62 -1.91 10.03
CA SER B 219 -29.16 -1.97 10.09
C SER B 219 -28.55 -3.20 9.35
N ARG B 220 -27.26 -3.09 9.06
CA ARG B 220 -26.47 -4.12 8.37
C ARG B 220 -25.09 -4.14 9.04
N TYR B 221 -24.69 -5.29 9.59
CA TYR B 221 -23.42 -5.42 10.26
C TYR B 221 -22.64 -6.64 9.76
N TYR B 222 -21.31 -6.60 9.83
CA TYR B 222 -20.55 -7.76 9.39
C TYR B 222 -19.38 -7.97 10.33
N VAL B 223 -18.95 -9.22 10.49
CA VAL B 223 -17.68 -9.48 11.19
C VAL B 223 -16.96 -10.47 10.26
N GLN B 224 -15.63 -10.40 10.14
CA GLN B 224 -15.00 -11.42 9.31
C GLN B 224 -15.00 -12.72 10.12
N VAL B 225 -15.05 -13.82 9.39
CA VAL B 225 -15.01 -15.13 10.01
C VAL B 225 -14.14 -16.06 9.16
N PRO B 226 -13.50 -17.05 9.80
CA PRO B 226 -12.64 -18.00 9.09
C PRO B 226 -13.50 -18.85 8.14
N LEU B 227 -12.87 -19.46 7.13
CA LEU B 227 -13.64 -20.24 6.14
C LEU B 227 -14.23 -21.56 6.59
N SER B 228 -13.79 -22.07 7.72
CA SER B 228 -14.33 -23.34 8.17
C SER B 228 -15.64 -23.12 8.92
N GLU B 229 -15.92 -21.86 9.29
CA GLU B 229 -17.13 -21.53 10.04
C GLU B 229 -18.40 -21.70 9.22
N LYS B 230 -19.47 -22.13 9.87
CA LYS B 230 -20.74 -22.34 9.20
C LYS B 230 -21.73 -21.38 9.83
N VAL B 231 -22.62 -20.85 9.01
CA VAL B 231 -23.57 -19.88 9.51
C VAL B 231 -24.44 -20.47 10.63
N GLU B 232 -24.70 -21.77 10.61
CA GLU B 232 -25.56 -22.33 11.66
C GLU B 232 -24.86 -22.35 13.00
N ASP B 233 -23.55 -22.19 12.99
CA ASP B 233 -22.87 -22.16 14.25
C ASP B 233 -22.92 -20.75 14.83
N TRP B 234 -23.55 -19.83 14.14
CA TRP B 234 -23.56 -18.49 14.70
C TRP B 234 -24.92 -17.96 15.02
N SER B 235 -25.32 -18.08 16.28
CA SER B 235 -26.64 -17.60 16.72
C SER B 235 -26.56 -16.09 16.62
N ASP B 236 -27.70 -15.42 16.64
CA ASP B 236 -27.77 -13.96 16.57
C ASP B 236 -27.00 -13.42 17.74
N GLU B 237 -27.18 -14.03 18.91
CA GLU B 237 -26.49 -13.54 20.10
C GLU B 237 -24.97 -13.60 19.97
N ARG B 238 -24.49 -14.71 19.40
CA ARG B 238 -23.04 -14.88 19.27
C ARG B 238 -22.48 -13.79 18.33
N PHE B 239 -23.23 -13.49 17.27
CA PHE B 239 -22.82 -12.45 16.35
C PHE B 239 -22.71 -11.08 17.02
N TRP B 240 -23.76 -10.71 17.78
CA TRP B 240 -23.79 -9.42 18.45
C TRP B 240 -22.67 -9.29 19.46
N THR B 241 -22.35 -10.38 20.16
CA THR B 241 -21.26 -10.33 21.12
C THR B 241 -19.92 -10.13 20.44
N GLU B 242 -19.66 -10.88 19.36
CA GLU B 242 -18.42 -10.73 18.61
C GLU B 242 -18.32 -9.32 18.03
N LEU B 243 -19.44 -8.81 17.51
CA LEU B 243 -19.50 -7.47 16.91
C LEU B 243 -19.10 -6.44 17.96
N LYS B 244 -19.77 -6.46 19.12
CA LYS B 244 -19.39 -5.53 20.19
C LYS B 244 -17.93 -5.66 20.62
N ALA B 245 -17.46 -6.89 20.80
CA ALA B 245 -16.07 -7.13 21.18
C ALA B 245 -15.09 -6.47 20.18
N ARG B 246 -15.55 -6.14 18.96
CA ARG B 246 -14.60 -5.56 18.00
C ARG B 246 -14.76 -4.07 17.79
N LEU B 247 -15.76 -3.46 18.42
CA LEU B 247 -15.97 -2.02 18.24
C LEU B 247 -15.50 -1.21 19.45
N PRO B 248 -15.23 0.10 19.26
CA PRO B 248 -14.82 1.01 20.34
C PRO B 248 -15.97 0.89 21.33
N SER B 249 -15.65 0.82 22.61
CA SER B 249 -16.68 0.65 23.63
C SER B 249 -17.73 1.74 23.56
N GLU B 250 -17.32 2.95 23.17
CA GLU B 250 -18.25 4.07 23.02
C GLU B 250 -19.32 3.71 21.97
N VAL B 251 -18.90 3.12 20.85
CA VAL B 251 -19.87 2.71 19.84
C VAL B 251 -20.69 1.51 20.36
N ALA B 252 -19.98 0.52 20.88
CA ALA B 252 -20.58 -0.70 21.36
C ALA B 252 -21.65 -0.57 22.44
N GLU B 253 -21.44 0.32 23.41
CA GLU B 253 -22.44 0.45 24.47
C GLU B 253 -23.77 0.96 23.96
N LYS B 254 -23.76 1.76 22.90
CA LYS B 254 -25.02 2.26 22.37
C LYS B 254 -25.68 1.44 21.23
N LEU B 255 -25.14 0.28 20.93
CA LEU B 255 -25.68 -0.56 19.87
C LEU B 255 -27.01 -1.17 20.30
N VAL B 256 -28.02 -0.98 19.47
CA VAL B 256 -29.30 -1.63 19.70
C VAL B 256 -29.27 -2.95 18.88
N THR B 257 -29.56 -4.07 19.54
CA THR B 257 -29.56 -5.36 18.86
C THR B 257 -30.97 -5.89 18.64
N GLY B 258 -31.09 -6.98 17.90
CA GLY B 258 -32.41 -7.54 17.67
C GLY B 258 -32.24 -8.81 16.87
N PRO B 259 -33.29 -9.59 16.63
CA PRO B 259 -33.20 -10.83 15.86
C PRO B 259 -32.80 -10.52 14.45
N SER B 260 -32.01 -11.39 13.83
CA SER B 260 -31.66 -11.08 12.46
C SER B 260 -32.84 -11.29 11.51
N LEU B 261 -33.01 -10.41 10.53
CA LEU B 261 -33.99 -10.60 9.44
C LEU B 261 -33.36 -11.50 8.36
N GLU B 262 -32.02 -11.48 8.26
CA GLU B 262 -31.24 -12.25 7.28
C GLU B 262 -29.80 -12.33 7.76
N LYS B 263 -29.16 -13.50 7.61
CA LYS B 263 -27.75 -13.76 8.02
C LYS B 263 -27.13 -14.67 6.99
N SER B 264 -25.89 -14.41 6.57
CA SER B 264 -25.20 -15.28 5.58
C SER B 264 -23.71 -15.00 5.65
N ILE B 265 -22.91 -15.93 5.15
CA ILE B 265 -21.46 -15.74 5.13
C ILE B 265 -21.02 -15.56 3.66
N ALA B 266 -20.40 -14.45 3.33
CA ALA B 266 -19.93 -14.24 1.98
C ALA B 266 -18.41 -14.41 1.91
N PRO B 267 -17.92 -15.25 1.00
CA PRO B 267 -16.49 -15.49 0.79
C PRO B 267 -15.92 -14.28 0.09
N LEU B 268 -14.69 -13.93 0.42
CA LEU B 268 -14.07 -12.79 -0.21
C LEU B 268 -13.04 -13.20 -1.27
N ARG B 269 -13.02 -12.48 -2.40
CA ARG B 269 -12.05 -12.81 -3.45
C ARG B 269 -11.90 -11.63 -4.41
N SER B 270 -10.78 -11.57 -5.12
CA SER B 270 -10.54 -10.55 -6.14
C SER B 270 -10.48 -11.40 -7.39
N PHE B 271 -11.13 -11.00 -8.45
CA PHE B 271 -11.11 -11.87 -9.64
C PHE B 271 -11.23 -10.98 -10.86
N VAL B 272 -10.44 -11.23 -11.91
CA VAL B 272 -10.53 -10.45 -13.15
C VAL B 272 -10.25 -11.33 -14.38
N VAL B 273 -11.00 -11.17 -15.49
CA VAL B 273 -10.64 -11.90 -16.71
C VAL B 273 -10.36 -10.87 -17.77
N GLU B 274 -9.41 -11.20 -18.66
CA GLU B 274 -9.05 -10.34 -19.76
C GLU B 274 -8.94 -11.21 -21.01
N PRO B 275 -9.63 -10.83 -22.10
CA PRO B 275 -10.49 -9.66 -22.15
C PRO B 275 -11.81 -10.09 -21.48
N MET B 276 -12.86 -9.31 -21.68
CA MET B 276 -14.18 -9.57 -21.06
C MET B 276 -15.19 -9.68 -22.18
N GLN B 277 -14.80 -10.29 -23.28
CA GLN B 277 -15.76 -10.43 -24.34
C GLN B 277 -15.21 -11.49 -25.29
N HIS B 278 -16.05 -11.97 -26.20
CA HIS B 278 -15.65 -13.00 -27.19
C HIS B 278 -16.72 -13.00 -28.29
N GLY B 279 -16.35 -12.61 -29.51
CA GLY B 279 -17.36 -12.51 -30.55
C GLY B 279 -18.49 -11.55 -30.16
N ARG B 280 -19.70 -12.05 -30.27
CA ARG B 280 -20.89 -11.26 -29.96
C ARG B 280 -21.23 -11.21 -28.45
N LEU B 281 -20.42 -11.84 -27.59
CA LEU B 281 -20.73 -11.85 -26.16
C LEU B 281 -19.87 -10.84 -25.40
N PHE B 282 -20.50 -10.08 -24.50
CA PHE B 282 -19.79 -9.11 -23.68
C PHE B 282 -20.13 -9.42 -22.22
N LEU B 283 -19.14 -9.63 -21.38
CA LEU B 283 -19.38 -9.88 -19.93
C LEU B 283 -19.47 -8.51 -19.23
N ALA B 284 -20.28 -8.42 -18.18
CA ALA B 284 -20.35 -7.15 -17.47
C ALA B 284 -20.61 -7.49 -16.00
N GLY B 285 -20.09 -6.67 -15.07
CA GLY B 285 -20.30 -6.90 -13.65
C GLY B 285 -19.59 -8.14 -13.13
N ASP B 286 -20.20 -8.78 -12.14
CA ASP B 286 -19.65 -9.96 -11.48
C ASP B 286 -19.39 -11.13 -12.41
N ALA B 287 -19.98 -11.14 -13.60
CA ALA B 287 -19.68 -12.19 -14.56
C ALA B 287 -18.25 -12.00 -15.08
N ALA B 288 -17.77 -10.77 -15.06
CA ALA B 288 -16.42 -10.50 -15.55
C ALA B 288 -15.37 -10.28 -14.43
N HIS B 289 -15.81 -9.78 -13.27
CA HIS B 289 -14.85 -9.53 -12.20
C HIS B 289 -15.49 -9.47 -10.82
N ILE B 290 -14.66 -9.65 -9.78
CA ILE B 290 -15.17 -9.61 -8.44
C ILE B 290 -14.16 -8.82 -7.63
N VAL B 291 -14.64 -7.98 -6.72
CA VAL B 291 -13.75 -7.30 -5.76
C VAL B 291 -14.30 -7.68 -4.37
N PRO B 292 -13.45 -7.66 -3.35
CA PRO B 292 -13.91 -7.98 -2.00
C PRO B 292 -14.73 -6.75 -1.66
N PRO B 293 -15.86 -6.93 -0.98
CA PRO B 293 -16.76 -5.80 -0.62
C PRO B 293 -16.26 -4.72 0.32
N THR B 294 -15.06 -4.91 0.85
CA THR B 294 -14.46 -3.93 1.74
C THR B 294 -14.48 -2.53 1.12
N GLY B 295 -14.27 -2.45 -0.18
CA GLY B 295 -14.24 -1.14 -0.80
C GLY B 295 -15.55 -0.63 -1.38
N ALA B 296 -16.60 -1.43 -1.28
CA ALA B 296 -17.92 -1.10 -1.78
C ALA B 296 -17.86 -0.71 -3.26
N LYS B 297 -17.26 -1.58 -4.06
CA LYS B 297 -17.10 -1.19 -5.45
C LYS B 297 -17.83 -2.05 -6.50
N GLY B 298 -18.28 -3.22 -6.08
CA GLY B 298 -18.89 -4.19 -6.97
C GLY B 298 -19.96 -3.70 -7.93
N LEU B 299 -21.05 -3.24 -7.34
CA LEU B 299 -22.18 -2.77 -8.05
C LEU B 299 -21.76 -1.51 -8.76
N ASN B 300 -20.96 -0.69 -8.10
CA ASN B 300 -20.51 0.49 -8.82
C ASN B 300 -19.71 0.11 -10.08
N LEU B 301 -18.85 -0.91 -10.03
CA LEU B 301 -18.12 -1.32 -11.28
C LEU B 301 -19.06 -1.88 -12.32
N ALA B 302 -20.03 -2.67 -11.87
CA ALA B 302 -21.04 -3.27 -12.74
C ALA B 302 -21.70 -2.11 -13.49
N ALA B 303 -22.00 -1.02 -12.79
CA ALA B 303 -22.63 0.14 -13.40
C ALA B 303 -21.84 0.76 -14.52
N SER B 304 -20.53 0.91 -14.33
CA SER B 304 -19.74 1.50 -15.37
C SER B 304 -19.49 0.57 -16.55
N ASP B 305 -19.47 -0.76 -16.29
CA ASP B 305 -19.32 -1.75 -17.37
C ASP B 305 -20.56 -1.59 -18.25
N VAL B 306 -21.71 -1.57 -17.59
CA VAL B 306 -23.01 -1.46 -18.28
C VAL B 306 -23.14 -0.16 -19.10
N SER B 307 -22.62 0.91 -18.53
CA SER B 307 -22.58 2.25 -19.14
C SER B 307 -21.78 2.23 -20.46
N THR B 308 -20.58 1.67 -20.39
CA THR B 308 -19.73 1.56 -21.54
C THR B 308 -20.37 0.63 -22.60
N LEU B 309 -20.91 -0.52 -22.17
CA LEU B 309 -21.55 -1.45 -23.11
C LEU B 309 -22.73 -0.79 -23.81
N TYR B 310 -23.58 -0.17 -23.03
CA TYR B 310 -24.74 0.52 -23.55
C TYR B 310 -24.29 1.51 -24.63
N ARG B 311 -23.31 2.34 -24.28
CA ARG B 311 -22.79 3.36 -25.20
C ARG B 311 -22.09 2.81 -26.46
N LEU B 312 -21.32 1.75 -26.33
CA LEU B 312 -20.68 1.19 -27.51
C LEU B 312 -21.68 0.46 -28.43
N LEU B 313 -22.72 -0.12 -27.86
CA LEU B 313 -23.71 -0.80 -28.66
C LEU B 313 -24.44 0.31 -29.45
N LEU B 314 -24.95 1.30 -28.72
CA LEU B 314 -25.65 2.44 -29.34
C LEU B 314 -24.85 3.01 -30.53
N LYS B 315 -23.53 3.16 -30.36
CA LYS B 315 -22.70 3.68 -31.43
C LYS B 315 -22.64 2.72 -32.59
N ALA B 316 -22.54 1.43 -32.28
CA ALA B 316 -22.42 0.44 -33.34
C ALA B 316 -23.64 0.41 -34.23
N TYR B 317 -24.81 0.41 -33.61
CA TYR B 317 -26.05 0.38 -34.35
C TYR B 317 -26.06 1.66 -35.17
N ARG B 318 -26.14 2.80 -34.48
CA ARG B 318 -26.14 4.10 -35.13
C ARG B 318 -25.18 4.23 -36.31
N GLU B 319 -23.97 3.69 -36.19
CA GLU B 319 -23.01 3.78 -37.29
C GLU B 319 -22.92 2.52 -38.13
N GLY B 320 -23.78 1.54 -37.87
CA GLY B 320 -23.67 0.31 -38.64
C GLY B 320 -22.24 -0.20 -38.67
N ARG B 321 -21.61 -0.26 -37.50
CA ARG B 321 -20.24 -0.77 -37.41
C ARG B 321 -19.99 -1.49 -36.08
N GLY B 322 -19.99 -2.82 -36.14
CA GLY B 322 -19.76 -3.60 -34.95
C GLY B 322 -18.39 -3.47 -34.29
N GLU B 323 -17.31 -3.49 -35.08
CA GLU B 323 -15.93 -3.38 -34.58
C GLU B 323 -15.63 -2.29 -33.52
N LEU B 324 -16.48 -1.28 -33.40
CA LEU B 324 -16.25 -0.26 -32.36
C LEU B 324 -16.33 -1.03 -31.04
N LEU B 325 -17.22 -2.03 -30.99
CA LEU B 325 -17.43 -2.88 -29.82
C LEU B 325 -16.18 -3.59 -29.35
N GLU B 326 -15.14 -3.60 -30.19
CA GLU B 326 -13.91 -4.27 -29.83
C GLU B 326 -13.16 -3.62 -28.68
N ARG B 327 -13.44 -2.34 -28.43
CA ARG B 327 -12.77 -1.60 -27.38
C ARG B 327 -13.39 -1.73 -26.00
N TYR B 328 -14.53 -2.42 -25.94
CA TYR B 328 -15.22 -2.57 -24.68
C TYR B 328 -14.28 -3.02 -23.55
N SER B 329 -13.64 -4.18 -23.72
CA SER B 329 -12.73 -4.74 -22.70
C SER B 329 -11.67 -3.74 -22.23
N ALA B 330 -10.94 -3.13 -23.18
CA ALA B 330 -9.89 -2.17 -22.79
C ALA B 330 -10.42 -1.01 -21.96
N ILE B 331 -11.56 -0.47 -22.35
CA ILE B 331 -12.11 0.63 -21.61
C ILE B 331 -12.48 0.20 -20.21
N CYS B 332 -13.26 -0.86 -20.10
CA CYS B 332 -13.71 -1.32 -18.79
C CYS B 332 -12.56 -1.66 -17.88
N LEU B 333 -11.60 -2.41 -18.41
CA LEU B 333 -10.45 -2.87 -17.62
C LEU B 333 -9.66 -1.78 -16.90
N ARG B 334 -9.59 -0.60 -17.51
CA ARG B 334 -8.88 0.49 -16.86
C ARG B 334 -9.57 0.87 -15.55
N ARG B 335 -10.91 0.89 -15.58
CA ARG B 335 -11.65 1.22 -14.36
C ARG B 335 -11.63 0.01 -13.41
N ILE B 336 -11.80 -1.18 -13.98
CA ILE B 336 -11.76 -2.39 -13.14
C ILE B 336 -10.46 -2.50 -12.28
N TRP B 337 -9.29 -2.40 -12.90
CA TRP B 337 -8.08 -2.55 -12.14
C TRP B 337 -7.87 -1.54 -11.03
N LYS B 338 -8.33 -0.31 -11.22
CA LYS B 338 -8.16 0.70 -10.15
C LYS B 338 -9.05 0.31 -8.96
N ALA B 339 -10.28 -0.14 -9.26
CA ALA B 339 -11.19 -0.52 -8.21
C ALA B 339 -10.66 -1.81 -7.53
N GLU B 340 -10.06 -2.70 -8.30
CA GLU B 340 -9.47 -3.92 -7.72
C GLU B 340 -8.31 -3.52 -6.73
N ARG B 341 -7.44 -2.60 -7.16
CA ARG B 341 -6.34 -2.16 -6.28
C ARG B 341 -6.89 -1.53 -5.01
N PHE B 342 -7.86 -0.63 -5.13
CA PHE B 342 -8.43 -0.03 -3.91
C PHE B 342 -9.15 -1.08 -3.03
N SER B 343 -9.92 -1.95 -3.62
CA SER B 343 -10.62 -2.93 -2.81
C SER B 343 -9.62 -3.89 -2.14
N TRP B 344 -8.54 -4.20 -2.85
CA TRP B 344 -7.52 -5.05 -2.27
C TRP B 344 -6.83 -4.29 -1.08
N TRP B 345 -6.54 -3.01 -1.28
CA TRP B 345 -5.88 -2.24 -0.26
C TRP B 345 -6.70 -2.18 1.02
N MET B 346 -7.98 -1.80 0.88
CA MET B 346 -8.88 -1.70 2.00
C MET B 346 -8.93 -3.03 2.74
N THR B 347 -8.98 -4.11 1.98
CA THR B 347 -9.11 -5.42 2.56
C THR B 347 -7.85 -5.76 3.30
N SER B 348 -6.73 -5.47 2.67
CA SER B 348 -5.51 -5.84 3.31
C SER B 348 -5.23 -5.03 4.57
N VAL B 349 -5.64 -3.75 4.61
CA VAL B 349 -5.35 -2.98 5.86
C VAL B 349 -6.35 -3.13 6.99
N LEU B 350 -7.55 -3.62 6.66
CA LEU B 350 -8.59 -3.75 7.66
C LEU B 350 -8.84 -5.11 8.24
N HIS B 351 -8.42 -6.18 7.57
CA HIS B 351 -8.70 -7.54 8.12
C HIS B 351 -7.51 -8.17 8.82
N ARG B 352 -7.79 -9.13 9.70
CA ARG B 352 -6.71 -9.84 10.36
C ARG B 352 -6.50 -11.09 9.53
N PHE B 353 -5.26 -11.32 9.10
CA PHE B 353 -4.95 -12.49 8.28
C PHE B 353 -4.27 -13.61 9.08
N PRO B 354 -4.48 -14.88 8.69
CA PRO B 354 -3.86 -16.02 9.39
C PRO B 354 -2.35 -16.01 9.32
N ASP B 355 -1.67 -16.44 10.38
CA ASP B 355 -0.20 -16.53 10.36
C ASP B 355 0.54 -15.33 9.82
N THR B 356 0.28 -14.20 10.45
CA THR B 356 0.89 -12.92 10.13
C THR B 356 1.99 -12.84 11.15
N ASP B 357 3.19 -12.44 10.77
CA ASP B 357 4.19 -12.35 11.80
C ASP B 357 4.22 -10.95 12.43
N ALA B 358 5.03 -10.75 13.45
CA ALA B 358 5.10 -9.44 14.13
C ALA B 358 5.31 -8.30 13.20
N PHE B 359 6.23 -8.45 12.24
CA PHE B 359 6.50 -7.32 11.37
C PHE B 359 5.26 -6.90 10.57
N SER B 360 4.60 -7.89 9.97
CA SER B 360 3.41 -7.62 9.16
C SER B 360 2.34 -6.92 9.96
N GLN B 361 2.13 -7.37 11.19
CA GLN B 361 1.12 -6.75 12.03
C GLN B 361 1.42 -5.29 12.32
N ARG B 362 2.68 -4.98 12.61
CA ARG B 362 3.02 -3.60 12.84
C ARG B 362 2.89 -2.78 11.57
N ILE B 363 3.30 -3.34 10.42
CA ILE B 363 3.21 -2.54 9.19
C ILE B 363 1.71 -2.18 8.91
N GLN B 364 0.81 -3.11 9.19
CA GLN B 364 -0.61 -2.88 8.94
C GLN B 364 -1.10 -1.76 9.81
N GLN B 365 -0.65 -1.77 11.05
CA GLN B 365 -1.01 -0.72 11.99
C GLN B 365 -0.41 0.66 11.49
N THR B 366 0.83 0.64 11.05
CA THR B 366 1.46 1.88 10.62
C THR B 366 0.76 2.36 9.34
N GLU B 367 0.27 1.44 8.53
CA GLU B 367 -0.44 1.81 7.31
C GLU B 367 -1.68 2.68 7.66
N LEU B 368 -2.46 2.21 8.65
CA LEU B 368 -3.65 2.90 9.12
C LEU B 368 -3.26 4.24 9.73
N GLU B 369 -2.23 4.25 10.57
CA GLU B 369 -1.83 5.48 11.20
C GLU B 369 -1.49 6.52 10.17
N TYR B 370 -0.74 6.13 9.14
CA TYR B 370 -0.35 7.11 8.15
C TYR B 370 -1.55 7.53 7.31
N TYR B 371 -2.29 6.57 6.75
CA TYR B 371 -3.43 6.95 5.90
C TYR B 371 -4.57 7.67 6.63
N LEU B 372 -4.74 7.43 7.93
CA LEU B 372 -5.80 8.11 8.66
C LEU B 372 -5.27 9.34 9.37
N GLY B 373 -3.98 9.62 9.21
CA GLY B 373 -3.43 10.77 9.92
C GLY B 373 -2.70 11.78 9.05
N SER B 374 -2.70 11.55 7.75
CA SER B 374 -2.05 12.46 6.85
C SER B 374 -3.09 12.97 5.86
N GLU B 375 -3.09 14.27 5.61
CA GLU B 375 -4.03 14.83 4.66
C GLU B 375 -3.92 14.13 3.31
N ALA B 376 -2.70 13.92 2.82
CA ALA B 376 -2.54 13.24 1.53
C ALA B 376 -3.07 11.81 1.60
N GLY B 377 -2.79 11.15 2.71
CA GLY B 377 -3.25 9.78 2.88
C GLY B 377 -4.76 9.71 2.88
N LEU B 378 -5.37 10.64 3.63
CA LEU B 378 -6.83 10.72 3.78
C LEU B 378 -7.47 11.02 2.43
N ALA B 379 -6.81 11.85 1.63
CA ALA B 379 -7.32 12.17 0.31
C ALA B 379 -7.28 10.93 -0.61
N THR B 380 -6.25 10.08 -0.49
CA THR B 380 -6.22 8.91 -1.38
C THR B 380 -7.42 8.07 -1.02
N ILE B 381 -7.72 7.97 0.26
CA ILE B 381 -8.87 7.17 0.65
C ILE B 381 -10.20 7.76 0.17
N ALA B 382 -10.46 9.04 0.45
CA ALA B 382 -11.72 9.66 0.07
C ALA B 382 -11.97 9.68 -1.45
N GLU B 383 -10.94 10.04 -2.22
CA GLU B 383 -11.15 10.09 -3.65
C GLU B 383 -11.44 8.70 -4.22
N ASN B 384 -10.81 7.67 -3.66
CA ASN B 384 -11.09 6.32 -4.16
C ASN B 384 -12.45 5.87 -3.66
N TYR B 385 -12.80 6.21 -2.44
CA TYR B 385 -14.08 5.75 -1.92
C TYR B 385 -15.35 6.37 -2.58
N VAL B 386 -15.27 7.65 -2.97
CA VAL B 386 -16.41 8.31 -3.59
C VAL B 386 -16.42 7.87 -5.01
N GLY B 387 -15.34 7.23 -5.43
CA GLY B 387 -15.24 6.73 -6.79
C GLY B 387 -14.42 7.60 -7.69
N LEU B 388 -13.48 6.98 -8.40
CA LEU B 388 -12.64 7.72 -9.33
C LEU B 388 -13.49 8.17 -10.53
N PRO B 389 -12.98 9.12 -11.34
CA PRO B 389 -13.73 9.63 -12.51
C PRO B 389 -14.21 8.57 -13.53
N TYR B 390 -15.46 8.70 -13.98
CA TYR B 390 -16.04 7.79 -14.96
C TYR B 390 -15.17 7.87 -16.22
N GLU B 391 -14.36 6.84 -16.48
CA GLU B 391 -13.48 6.83 -17.65
C GLU B 391 -14.11 7.38 -18.93
N GLU B 392 -13.25 7.84 -19.85
CA GLU B 392 -13.65 8.41 -21.14
C GLU B 392 -14.62 7.55 -21.96
N ILE B 393 -14.45 6.23 -21.91
CA ILE B 393 -15.28 5.30 -22.69
C ILE B 393 -15.04 5.59 -24.19
N GLU B 394 -15.77 4.90 -25.08
CA GLU B 394 -15.61 5.06 -26.53
C GLU B 394 -14.16 4.95 -27.04
#